data_9PNJ
#
_entry.id   9PNJ
#
_cell.length_a   85.973
_cell.length_b   99.332
_cell.length_c   124.554
_cell.angle_alpha   90.000
_cell.angle_beta   90.000
_cell.angle_gamma   90.000
#
_symmetry.space_group_name_H-M   'P 21 21 21'
#
loop_
_entity.id
_entity.type
_entity.pdbx_description
1 polymer Alpha-L-fucosidase
2 non-polymer 1,2-ETHANEDIOL
3 non-polymer 'MAGNESIUM ION'
4 water water
#
_entity_poly.entity_id   1
_entity_poly.type   'polypeptide(L)'
_entity_poly.pdbx_seq_one_letter_code
;MGSSHHHHHHSSGLVPRGSHMFSQKNVTHPYWAPKTWKLRADDITTIMGFRAKLKGNLNHLDRPTPTVVNNAFIRGFLTK
EDVMTWEVEAPYEAEYNIALLYTGSNDILSESTFEVTSGTSKIIEKANVKNWDTRPIVQRHYLKQNLLLKKGINKISFRL
VTFGKEKTKEENAEIKANANIKPNPFAFWSIELVRPEALVAIKERAKEIKADLQWMVDGKYGLFVHFSSSSVPFEGGLKL
GDQYQKLVKDFDVDVFVEKVLEIGASWVTFTCAHGTQHWPGPSKTIDSIKSGFTCERDLIRELIDGLGKHNIRLMLYYNP
NSGMEDLYGNTYGNGDQPDPSGYFNFLEAHFREVSLRYGKDLASTAGYIDDGGWKVYQLDPPWEKFVKAIKAGNPNAPVG
FSQNLFPNLTPFSDLVVSDGSGRVPEIQPAFLFEKGGQLEGQYPASWFYMDGWSSRVKNGKFTQKPKFSAEKYIEIFKKA
DQVNMPITINLAMTPDVTKGHPIFNPESIEIMKKVRKAVKGYLEHHHHHH
;
_entity_poly.pdbx_strand_id   A,B
#
# COMPACT_ATOMS: atom_id res chain seq x y z
N LYS A 25 -7.72 22.28 18.04
CA LYS A 25 -7.65 21.35 16.93
C LYS A 25 -8.29 20.01 17.28
N ASN A 26 -7.77 19.35 18.31
CA ASN A 26 -8.24 18.02 18.68
C ASN A 26 -9.70 18.06 19.11
N VAL A 27 -10.52 17.21 18.49
CA VAL A 27 -11.97 17.18 18.67
C VAL A 27 -12.35 15.85 19.30
N THR A 28 -13.10 15.89 20.39
CA THR A 28 -13.60 14.68 21.07
C THR A 28 -15.00 14.97 21.60
N HIS A 29 -16.00 14.29 21.06
CA HIS A 29 -17.30 14.11 21.69
C HIS A 29 -17.08 13.80 23.17
N PRO A 30 -17.99 14.24 24.06
CA PRO A 30 -17.79 13.97 25.50
C PRO A 30 -17.61 12.49 25.84
N TYR A 31 -18.21 11.57 25.06
CA TYR A 31 -18.01 10.14 25.32
C TYR A 31 -16.56 9.70 25.13
N TRP A 32 -15.81 10.42 24.31
CA TRP A 32 -14.41 10.07 24.04
C TRP A 32 -13.44 11.01 24.73
N ALA A 33 -13.91 12.08 25.36
CA ALA A 33 -13.03 13.09 25.97
C ALA A 33 -12.14 12.48 27.05
N PRO A 34 -10.96 13.07 27.28
CA PRO A 34 -10.14 12.63 28.41
C PRO A 34 -10.95 12.61 29.71
N LYS A 35 -10.58 11.69 30.60
CA LYS A 35 -11.29 11.55 31.87
C LYS A 35 -10.45 10.69 32.78
N THR A 36 -10.84 10.65 34.04
CA THR A 36 -10.17 9.84 35.03
C THR A 36 -10.50 8.36 34.84
N TRP A 37 -9.48 7.52 34.79
CA TRP A 37 -9.68 6.11 34.54
C TRP A 37 -9.57 5.31 35.83
N LYS A 38 -10.64 4.58 36.18
CA LYS A 38 -10.63 3.69 37.33
C LYS A 38 -9.80 2.45 37.00
N LEU A 39 -8.69 2.27 37.69
CA LEU A 39 -7.87 1.07 37.55
C LEU A 39 -8.53 -0.10 38.25
N ARG A 40 -8.57 -1.24 37.57
CA ARG A 40 -9.07 -2.49 38.14
C ARG A 40 -7.85 -3.29 38.61
N ALA A 41 -7.70 -3.41 39.93
CA ALA A 41 -6.40 -3.78 40.48
C ALA A 41 -6.03 -5.23 40.16
N ASP A 42 -7.00 -6.12 40.02
CA ASP A 42 -6.73 -7.52 39.69
C ASP A 42 -6.70 -7.80 38.20
N ASP A 43 -6.43 -6.79 37.38
CA ASP A 43 -6.73 -6.88 35.96
C ASP A 43 -5.76 -6.01 35.18
N ILE A 44 -5.70 -6.26 33.87
CA ILE A 44 -5.07 -5.34 32.94
C ILE A 44 -6.08 -4.25 32.59
N THR A 45 -5.75 -3.01 32.93
CA THR A 45 -6.53 -1.86 32.47
C THR A 45 -5.82 -1.24 31.27
N THR A 46 -6.60 -0.91 30.23
CA THR A 46 -6.06 -0.29 29.02
C THR A 46 -6.71 1.07 28.83
N ILE A 47 -5.91 2.05 28.45
CA ILE A 47 -6.40 3.40 28.30
C ILE A 47 -5.88 3.92 26.97
N MET A 48 -6.79 4.31 26.10
CA MET A 48 -6.43 4.85 24.80
C MET A 48 -5.75 6.20 24.97
N GLY A 49 -4.75 6.46 24.11
CA GLY A 49 -4.03 7.72 24.14
C GLY A 49 -4.93 8.94 24.07
N PHE A 50 -6.04 8.86 23.33
CA PHE A 50 -6.86 10.08 23.25
C PHE A 50 -7.57 10.40 24.55
N ARG A 51 -7.53 9.51 25.53
CA ARG A 51 -8.12 9.75 26.85
C ARG A 51 -7.22 10.57 27.75
N ALA A 52 -6.01 10.89 27.31
CA ALA A 52 -5.08 11.75 28.04
C ALA A 52 -5.18 13.17 27.51
N LYS A 53 -4.90 14.13 28.39
CA LYS A 53 -4.78 15.52 27.96
C LYS A 53 -3.48 15.68 27.18
N LEU A 54 -3.55 16.47 26.10
CA LEU A 54 -2.45 16.56 25.15
C LEU A 54 -1.90 17.99 25.10
N LYS A 55 -0.58 18.09 25.08
CA LYS A 55 0.11 19.37 24.96
C LYS A 55 0.98 19.35 23.69
N GLY A 56 1.29 20.54 23.20
CA GLY A 56 2.21 20.67 22.09
C GLY A 56 1.58 20.32 20.75
N ASN A 57 2.34 19.64 19.88
CA ASN A 57 1.84 19.19 18.59
C ASN A 57 1.07 17.86 18.66
N LEU A 58 0.71 17.35 19.83
CA LEU A 58 0.05 16.05 19.89
C LEU A 58 -1.37 16.17 19.37
N ASN A 59 -1.70 15.33 18.39
CA ASN A 59 -3.01 15.41 17.76
C ASN A 59 -3.48 14.03 17.32
N HIS A 60 -4.78 13.96 17.03
CA HIS A 60 -5.41 12.75 16.58
C HIS A 60 -6.57 13.15 15.67
N LEU A 61 -6.98 12.21 14.84
CA LEU A 61 -8.16 12.42 13.99
C LEU A 61 -9.38 12.75 14.85
N ASP A 62 -10.25 13.59 14.31
CA ASP A 62 -11.43 14.05 15.04
C ASP A 62 -12.31 12.88 15.47
N ARG A 63 -12.93 12.99 16.64
CA ARG A 63 -13.86 12.00 17.17
C ARG A 63 -15.15 12.69 17.59
N PRO A 64 -15.91 13.21 16.63
CA PRO A 64 -16.97 14.18 16.98
C PRO A 64 -18.31 13.55 17.41
N THR A 65 -18.58 12.32 16.98
CA THR A 65 -19.87 11.71 17.36
C THR A 65 -19.64 10.63 18.40
N PRO A 66 -20.70 9.96 18.89
CA PRO A 66 -20.50 8.78 19.74
C PRO A 66 -19.84 7.59 19.04
N THR A 67 -19.79 7.56 17.71
CA THR A 67 -19.28 6.38 17.00
C THR A 67 -17.76 6.31 17.09
N VAL A 68 -17.25 5.10 17.36
CA VAL A 68 -15.82 4.89 17.45
C VAL A 68 -15.13 5.23 16.12
N VAL A 69 -13.93 5.78 16.23
CA VAL A 69 -13.11 6.17 15.09
C VAL A 69 -11.87 5.29 15.13
N ASN A 70 -11.71 4.45 14.10
CA ASN A 70 -10.64 3.44 14.09
C ASN A 70 -9.27 4.07 14.29
N ASN A 71 -9.00 5.15 13.57
CA ASN A 71 -7.68 5.75 13.52
C ASN A 71 -7.55 6.65 14.74
N ALA A 72 -7.29 6.02 15.88
CA ALA A 72 -7.23 6.72 17.17
C ALA A 72 -5.82 7.11 17.58
N PHE A 73 -4.82 6.87 16.73
CA PHE A 73 -3.44 7.08 17.16
C PHE A 73 -3.18 8.55 17.52
N ILE A 74 -2.22 8.74 18.42
CA ILE A 74 -1.71 10.06 18.75
C ILE A 74 -0.41 10.27 18.00
N ARG A 75 -0.33 11.37 17.26
CA ARG A 75 0.88 11.71 16.52
C ARG A 75 1.43 13.06 16.99
N GLY A 76 2.71 13.27 16.71
CA GLY A 76 3.30 14.58 16.95
C GLY A 76 4.41 14.61 17.97
N PHE A 77 5.05 13.48 18.24
CA PHE A 77 6.10 13.41 19.26
C PHE A 77 7.44 13.85 18.67
N LEU A 78 7.52 15.16 18.40
CA LEU A 78 8.69 15.76 17.77
C LEU A 78 9.62 16.48 18.74
N THR A 79 9.11 17.01 19.85
CA THR A 79 9.92 17.73 20.84
C THR A 79 9.61 17.25 22.26
N LYS A 80 10.54 17.58 23.16
CA LYS A 80 10.42 17.23 24.58
C LYS A 80 9.19 17.86 25.26
N GLU A 81 8.47 18.76 24.60
CA GLU A 81 7.30 19.42 25.18
C GLU A 81 5.97 18.80 24.77
N ASP A 82 5.96 17.92 23.76
CA ASP A 82 4.75 17.24 23.30
C ASP A 82 4.45 16.12 24.29
N VAL A 83 3.67 16.44 25.31
CA VAL A 83 3.45 15.57 26.47
C VAL A 83 1.98 15.19 26.52
N MET A 84 1.70 13.98 26.96
CA MET A 84 0.33 13.55 27.21
C MET A 84 0.21 13.07 28.65
N THR A 85 -0.94 13.32 29.24
CA THR A 85 -1.09 13.16 30.68
C THR A 85 -2.43 12.50 30.96
N TRP A 86 -2.38 11.30 31.54
CA TRP A 86 -3.56 10.57 31.98
C TRP A 86 -3.81 10.83 33.46
N GLU A 87 -5.07 10.79 33.85
CA GLU A 87 -5.49 10.81 35.24
C GLU A 87 -6.11 9.45 35.56
N VAL A 88 -5.41 8.67 36.38
CA VAL A 88 -5.88 7.36 36.78
C VAL A 88 -6.22 7.41 38.26
N GLU A 89 -7.01 6.42 38.70
CA GLU A 89 -7.45 6.31 40.09
C GLU A 89 -7.11 4.93 40.61
N ALA A 90 -5.98 4.81 41.32
CA ALA A 90 -5.55 3.52 41.85
C ALA A 90 -6.20 3.28 43.21
N PRO A 91 -6.94 2.19 43.39
CA PRO A 91 -7.64 2.00 44.68
C PRO A 91 -6.69 1.90 45.89
N TYR A 92 -5.43 1.53 45.70
CA TYR A 92 -4.46 1.52 46.79
C TYR A 92 -3.06 1.60 46.20
N GLU A 93 -2.07 1.80 47.06
CA GLU A 93 -0.70 1.91 46.58
C GLU A 93 -0.17 0.56 46.13
N ALA A 94 0.47 0.55 44.98
CA ALA A 94 0.99 -0.69 44.41
C ALA A 94 1.84 -0.36 43.21
N GLU A 95 2.69 -1.32 42.84
CA GLU A 95 3.52 -1.27 41.65
C GLU A 95 2.74 -1.82 40.45
N TYR A 96 2.57 -1.00 39.41
CA TYR A 96 1.94 -1.44 38.17
C TYR A 96 2.98 -1.57 37.07
N ASN A 97 2.93 -2.70 36.35
CA ASN A 97 3.71 -2.84 35.12
C ASN A 97 3.05 -2.00 34.02
N ILE A 98 3.89 -1.38 33.18
CA ILE A 98 3.41 -0.50 32.12
C ILE A 98 3.70 -1.13 30.76
N ALA A 99 2.73 -1.08 29.86
CA ALA A 99 2.90 -1.52 28.48
C ALA A 99 2.45 -0.39 27.55
N LEU A 100 3.26 -0.12 26.53
CA LEU A 100 2.94 0.88 25.53
C LEU A 100 2.68 0.21 24.19
N LEU A 101 1.65 0.69 23.50
CA LEU A 101 1.31 0.21 22.16
C LEU A 101 1.52 1.33 21.16
N TYR A 102 2.40 1.11 20.20
CA TYR A 102 2.79 2.15 19.28
C TYR A 102 3.34 1.54 18.00
N THR A 103 3.43 2.36 16.99
CA THR A 103 4.00 1.93 15.73
C THR A 103 4.70 3.12 15.11
N GLY A 104 5.36 2.89 13.99
CA GLY A 104 6.05 3.95 13.30
C GLY A 104 7.29 3.45 12.59
N SER A 105 7.81 4.30 11.73
CA SER A 105 9.08 4.06 11.06
C SER A 105 10.14 3.55 12.03
N ASN A 106 10.75 2.41 11.68
CA ASN A 106 11.89 1.89 12.43
C ASN A 106 13.04 2.88 12.52
N ASP A 107 13.20 3.79 11.54
CA ASP A 107 14.25 4.79 11.68
C ASP A 107 13.95 5.79 12.79
N ILE A 108 12.67 6.10 12.99
CA ILE A 108 12.29 6.93 14.14
C ILE A 108 12.44 6.14 15.44
N LEU A 109 11.99 4.87 15.46
CA LEU A 109 12.01 4.09 16.69
C LEU A 109 13.42 3.79 17.15
N SER A 110 14.34 3.62 16.21
CA SER A 110 15.71 3.27 16.54
C SER A 110 16.41 4.34 17.39
N GLU A 111 15.92 5.57 17.39
CA GLU A 111 16.54 6.67 18.12
C GLU A 111 15.52 7.40 18.97
N SER A 112 14.47 6.72 19.40
CA SER A 112 13.45 7.30 20.25
C SER A 112 13.56 6.72 21.65
N THR A 113 13.41 7.57 22.66
CA THR A 113 13.49 7.17 24.06
C THR A 113 12.20 7.63 24.73
N PHE A 114 11.59 6.74 25.49
CA PHE A 114 10.35 7.09 26.17
C PHE A 114 10.67 7.65 27.56
N GLU A 115 9.70 8.38 28.12
CA GLU A 115 9.75 8.78 29.51
C GLU A 115 8.34 8.68 30.08
N VAL A 116 8.14 7.79 31.05
CA VAL A 116 6.86 7.66 31.74
C VAL A 116 7.07 8.10 33.18
N THR A 117 6.29 9.09 33.62
CA THR A 117 6.39 9.64 34.97
C THR A 117 5.05 9.61 35.67
N SER A 118 5.09 9.47 37.00
CA SER A 118 3.95 9.75 37.86
C SER A 118 4.45 10.10 39.26
N GLY A 119 4.19 11.33 39.71
CA GLY A 119 4.76 11.78 40.95
C GLY A 119 6.27 11.85 40.87
N THR A 120 6.96 10.96 41.59
CA THR A 120 8.41 10.88 41.52
C THR A 120 8.91 9.61 40.84
N SER A 121 8.01 8.75 40.37
CA SER A 121 8.41 7.61 39.56
C SER A 121 8.70 8.06 38.13
N LYS A 122 9.78 7.54 37.56
CA LYS A 122 10.23 7.98 36.24
C LYS A 122 10.87 6.80 35.52
N ILE A 123 10.19 6.25 34.52
CA ILE A 123 10.73 5.18 33.68
C ILE A 123 11.29 5.79 32.41
N ILE A 124 12.49 5.35 32.02
CA ILE A 124 13.13 5.82 30.80
C ILE A 124 13.63 4.59 30.05
N GLU A 125 13.19 4.43 28.81
CA GLU A 125 13.54 3.25 28.02
C GLU A 125 13.54 3.58 26.53
N LYS A 126 14.48 2.97 25.81
CA LYS A 126 14.51 3.09 24.35
C LYS A 126 13.34 2.35 23.72
N ALA A 127 12.93 2.82 22.54
CA ALA A 127 11.89 2.14 21.79
C ALA A 127 12.41 0.80 21.24
N ASN A 128 11.48 -0.11 20.96
CA ASN A 128 11.83 -1.37 20.30
C ASN A 128 11.70 -1.21 18.80
N VAL A 129 12.73 -1.66 18.09
CA VAL A 129 12.68 -1.72 16.63
C VAL A 129 11.93 -2.97 16.22
N LYS A 130 10.95 -2.79 15.32
CA LYS A 130 10.19 -3.90 14.76
C LYS A 130 11.09 -4.72 13.85
N ASN A 131 11.48 -5.90 14.30
CA ASN A 131 12.39 -6.76 13.54
C ASN A 131 11.68 -7.97 12.91
N TRP A 132 10.39 -7.81 12.59
CA TRP A 132 9.64 -8.80 11.83
C TRP A 132 8.87 -8.07 10.74
N ASP A 133 8.67 -8.75 9.59
CA ASP A 133 8.05 -8.18 8.40
C ASP A 133 6.54 -8.36 8.36
N THR A 134 6.00 -9.15 9.26
CA THR A 134 4.59 -9.49 9.23
C THR A 134 3.82 -8.59 10.19
N ARG A 135 2.51 -8.83 10.25
CA ARG A 135 1.72 -8.37 11.37
C ARG A 135 2.23 -9.07 12.63
N PRO A 136 2.03 -8.47 13.82
CA PRO A 136 1.41 -7.17 14.09
C PRO A 136 2.23 -5.95 13.65
N ILE A 137 1.50 -4.93 13.16
CA ILE A 137 2.14 -3.68 12.80
C ILE A 137 2.34 -2.80 14.04
N VAL A 138 1.33 -2.74 14.92
CA VAL A 138 1.47 -2.10 16.23
C VAL A 138 2.13 -3.09 17.19
N GLN A 139 3.07 -2.62 18.01
CA GLN A 139 3.71 -3.54 18.94
C GLN A 139 3.34 -3.23 20.38
N ARG A 140 3.36 -4.27 21.21
CA ARG A 140 3.19 -4.10 22.65
C ARG A 140 4.57 -4.12 23.30
N HIS A 141 4.86 -3.08 24.07
CA HIS A 141 6.17 -2.87 24.69
C HIS A 141 5.99 -2.85 26.21
N TYR A 142 6.44 -3.91 26.86
CA TYR A 142 6.46 -4.00 28.31
C TYR A 142 7.72 -3.35 28.84
N LEU A 143 7.56 -2.25 29.58
CA LEU A 143 8.70 -1.55 30.17
C LEU A 143 9.32 -2.37 31.30
N LYS A 144 10.66 -2.32 31.40
CA LYS A 144 11.38 -3.10 32.40
C LYS A 144 11.05 -2.65 33.83
N GLN A 145 11.15 -1.35 34.09
CA GLN A 145 10.90 -0.83 35.42
C GLN A 145 9.40 -0.57 35.63
N ASN A 146 8.90 -0.92 36.82
CA ASN A 146 7.49 -0.72 37.16
C ASN A 146 7.24 0.76 37.50
N LEU A 147 6.04 1.05 38.01
CA LEU A 147 5.61 2.42 38.24
C LEU A 147 4.78 2.47 39.52
N LEU A 148 5.24 3.24 40.51
CA LEU A 148 4.50 3.41 41.77
C LEU A 148 3.34 4.36 41.55
N LEU A 149 2.16 3.95 42.01
CA LEU A 149 0.96 4.79 41.93
C LEU A 149 0.39 4.92 43.34
N LYS A 150 0.21 6.15 43.78
CA LYS A 150 -0.35 6.42 45.09
C LYS A 150 -1.81 5.98 45.14
N LYS A 151 -2.40 6.07 46.33
CA LYS A 151 -3.82 5.81 46.46
C LYS A 151 -4.61 6.95 45.85
N GLY A 152 -5.72 6.63 45.20
CA GLY A 152 -6.57 7.66 44.63
C GLY A 152 -6.06 8.20 43.29
N ILE A 153 -6.33 9.48 43.07
CA ILE A 153 -6.00 10.14 41.80
C ILE A 153 -4.50 10.16 41.58
N ASN A 154 -4.08 9.71 40.40
CA ASN A 154 -2.69 9.81 39.95
C ASN A 154 -2.64 10.50 38.60
N LYS A 155 -1.54 11.20 38.34
CA LYS A 155 -1.25 11.75 37.02
C LYS A 155 -0.09 10.97 36.42
N ILE A 156 -0.32 10.37 35.25
CA ILE A 156 0.71 9.64 34.52
C ILE A 156 0.99 10.38 33.21
N SER A 157 2.26 10.63 32.94
CA SER A 157 2.66 11.39 31.77
C SER A 157 3.56 10.56 30.88
N PHE A 158 3.38 10.72 29.57
CA PHE A 158 4.22 10.06 28.58
C PHE A 158 4.74 11.07 27.58
N ARG A 159 6.01 10.92 27.21
CA ARG A 159 6.61 11.79 26.21
C ARG A 159 7.87 11.11 25.69
N LEU A 160 8.34 11.58 24.54
CA LEU A 160 9.67 11.23 24.07
C LEU A 160 10.69 12.25 24.59
N VAL A 161 11.87 11.77 24.98
CA VAL A 161 12.97 12.66 25.33
C VAL A 161 14.11 12.62 24.31
N THR A 162 14.25 11.57 23.51
CA THR A 162 15.12 11.61 22.34
C THR A 162 14.32 11.19 21.11
N PHE A 163 14.82 11.59 19.94
CA PHE A 163 14.02 11.59 18.72
C PHE A 163 14.84 11.11 17.54
N GLY A 164 14.22 10.22 16.75
CA GLY A 164 14.72 9.86 15.44
C GLY A 164 13.98 10.61 14.36
N LYS A 165 14.38 10.35 13.11
CA LYS A 165 13.62 10.89 12.00
C LYS A 165 13.81 9.99 10.78
N GLU A 166 12.93 10.18 9.81
CA GLU A 166 12.90 9.25 8.70
C GLU A 166 14.06 9.53 7.75
N LYS A 167 14.50 8.47 7.07
CA LYS A 167 15.68 8.46 6.20
C LYS A 167 15.30 7.99 4.81
N THR A 168 16.23 8.19 3.86
CA THR A 168 16.04 7.70 2.49
C THR A 168 16.13 6.17 2.43
N ASN A 178 11.88 2.32 -4.07
CA ASN A 178 12.26 2.96 -2.82
C ASN A 178 11.98 4.49 -2.81
N ALA A 179 10.68 4.84 -2.89
CA ALA A 179 10.25 6.23 -2.89
C ALA A 179 8.72 6.30 -2.82
N ASN A 180 8.18 6.64 -1.65
CA ASN A 180 6.75 6.77 -1.42
C ASN A 180 6.44 8.20 -0.95
N ILE A 181 5.18 8.44 -0.59
CA ILE A 181 4.69 9.77 -0.28
C ILE A 181 4.24 9.91 1.17
N LYS A 182 3.65 8.89 1.74
CA LYS A 182 3.02 9.13 3.02
C LYS A 182 4.03 8.91 4.14
N PRO A 183 4.17 9.84 5.08
CA PRO A 183 5.13 9.63 6.17
C PRO A 183 4.64 8.56 7.14
N ASN A 184 5.56 8.09 7.97
CA ASN A 184 5.29 7.02 8.93
C ASN A 184 5.81 7.43 10.31
N PRO A 185 5.18 8.43 10.93
CA PRO A 185 5.70 8.97 12.21
C PRO A 185 5.44 8.03 13.37
N PHE A 186 6.13 8.31 14.49
CA PHE A 186 5.83 7.61 15.73
C PHE A 186 4.35 7.82 16.08
N ALA A 187 3.59 6.73 16.23
CA ALA A 187 2.15 6.83 16.42
C ALA A 187 1.77 6.04 17.66
N PHE A 188 1.18 6.71 18.65
CA PHE A 188 0.87 6.10 19.94
C PHE A 188 -0.57 5.61 19.96
N TRP A 189 -0.77 4.36 20.34
CA TRP A 189 -2.13 3.79 20.42
C TRP A 189 -2.70 3.80 21.84
N SER A 190 -2.03 3.17 22.80
CA SER A 190 -2.64 2.98 24.12
C SER A 190 -1.57 2.70 25.17
N ILE A 191 -1.96 2.88 26.43
CA ILE A 191 -1.15 2.46 27.57
C ILE A 191 -1.90 1.35 28.30
N GLU A 192 -1.14 0.39 28.84
CA GLU A 192 -1.71 -0.70 29.63
C GLU A 192 -1.04 -0.77 30.99
N LEU A 193 -1.83 -1.08 32.02
CA LEU A 193 -1.36 -1.11 33.41
C LEU A 193 -1.87 -2.37 34.10
N VAL A 194 -0.97 -3.11 34.73
CA VAL A 194 -1.35 -4.31 35.48
C VAL A 194 -0.33 -4.55 36.59
N ARG A 195 -0.83 -4.81 37.79
CA ARG A 195 0.05 -5.23 38.88
C ARG A 195 0.72 -6.53 38.49
N PRO A 196 2.03 -6.66 38.64
CA PRO A 196 2.69 -7.90 38.20
C PRO A 196 2.16 -9.15 38.89
N GLU A 197 1.63 -9.04 40.11
CA GLU A 197 0.97 -10.19 40.73
C GLU A 197 -0.32 -10.55 39.99
N ALA A 198 -1.10 -9.54 39.60
CA ALA A 198 -2.32 -9.80 38.84
C ALA A 198 -2.01 -10.41 37.48
N LEU A 199 -0.90 -10.00 36.87
CA LEU A 199 -0.51 -10.54 35.57
C LEU A 199 -0.22 -12.04 35.67
N VAL A 200 0.58 -12.46 36.65
CA VAL A 200 0.92 -13.88 36.79
C VAL A 200 -0.34 -14.70 37.03
N ALA A 201 -1.25 -14.21 37.86
CA ALA A 201 -2.50 -14.93 38.10
C ALA A 201 -3.37 -14.97 36.84
N ILE A 202 -3.45 -13.83 36.13
CA ILE A 202 -4.19 -13.77 34.87
C ILE A 202 -3.66 -14.80 33.89
N LYS A 203 -2.34 -14.85 33.71
CA LYS A 203 -1.77 -15.81 32.78
C LYS A 203 -2.03 -17.23 33.24
N GLU A 204 -2.13 -17.45 34.55
CA GLU A 204 -2.42 -18.78 35.07
C GLU A 204 -3.78 -19.26 34.61
N ARG A 205 -4.80 -18.40 34.70
CA ARG A 205 -6.13 -18.79 34.24
C ARG A 205 -6.19 -18.85 32.72
N ALA A 206 -5.43 -18.01 32.03
CA ALA A 206 -5.37 -18.12 30.58
C ALA A 206 -4.84 -19.49 30.18
N LYS A 207 -3.84 -20.00 30.91
CA LYS A 207 -3.29 -21.30 30.59
C LYS A 207 -4.30 -22.40 30.90
N GLU A 208 -5.07 -22.24 31.99
CA GLU A 208 -5.97 -23.31 32.42
C GLU A 208 -7.15 -23.51 31.48
N ILE A 209 -7.56 -22.49 30.71
CA ILE A 209 -8.69 -22.61 29.79
C ILE A 209 -8.26 -22.57 28.33
N LYS A 210 -6.95 -22.57 28.06
CA LYS A 210 -6.47 -22.49 26.68
C LYS A 210 -7.03 -23.65 25.86
N ALA A 211 -7.49 -23.33 24.65
CA ALA A 211 -8.19 -24.31 23.83
C ALA A 211 -7.21 -25.28 23.19
N ASP A 212 -7.69 -26.48 22.93
CA ASP A 212 -6.93 -27.50 22.22
C ASP A 212 -7.35 -27.43 20.76
N LEU A 213 -6.45 -26.93 19.90
CA LEU A 213 -6.76 -26.72 18.49
C LEU A 213 -6.28 -27.87 17.60
N GLN A 214 -6.00 -29.03 18.18
CA GLN A 214 -5.56 -30.16 17.38
C GLN A 214 -6.58 -30.53 16.30
N TRP A 215 -7.89 -30.36 16.58
CA TRP A 215 -8.89 -30.67 15.57
C TRP A 215 -8.76 -29.76 14.36
N MET A 216 -8.30 -28.52 14.57
CA MET A 216 -8.09 -27.59 13.47
C MET A 216 -6.80 -27.91 12.70
N VAL A 217 -5.72 -28.24 13.42
CA VAL A 217 -4.49 -28.61 12.76
C VAL A 217 -4.69 -29.85 11.90
N ASP A 218 -5.41 -30.84 12.43
CA ASP A 218 -5.66 -32.08 11.67
C ASP A 218 -6.65 -31.86 10.53
N GLY A 219 -7.63 -30.96 10.71
CA GLY A 219 -8.54 -30.63 9.63
C GLY A 219 -7.87 -29.93 8.47
N LYS A 220 -6.76 -29.22 8.73
CA LYS A 220 -5.90 -28.56 7.75
C LYS A 220 -6.51 -27.28 7.20
N TYR A 221 -7.76 -27.33 6.75
CA TYR A 221 -8.39 -26.11 6.26
C TYR A 221 -9.89 -26.18 6.41
N GLY A 222 -10.49 -24.99 6.37
CA GLY A 222 -11.92 -24.86 6.52
C GLY A 222 -12.43 -23.80 5.56
N LEU A 223 -13.76 -23.67 5.53
CA LEU A 223 -14.43 -22.71 4.65
C LEU A 223 -14.94 -21.55 5.48
N PHE A 224 -14.63 -20.33 5.03
CA PHE A 224 -15.23 -19.11 5.53
C PHE A 224 -16.40 -18.78 4.60
N VAL A 225 -17.62 -18.67 5.14
CA VAL A 225 -18.73 -18.29 4.29
C VAL A 225 -19.36 -17.00 4.81
N HIS A 226 -19.36 -15.99 3.96
CA HIS A 226 -19.95 -14.70 4.27
C HIS A 226 -21.39 -14.71 3.80
N PHE A 227 -22.29 -14.82 4.77
CA PHE A 227 -23.72 -14.57 4.59
C PHE A 227 -23.96 -13.09 4.88
N SER A 228 -23.55 -12.24 3.93
CA SER A 228 -23.42 -10.80 4.16
C SER A 228 -24.72 -10.05 3.94
N SER A 229 -25.05 -9.14 4.88
CA SER A 229 -26.27 -8.37 4.80
C SER A 229 -26.32 -7.44 3.58
N SER A 230 -25.20 -7.22 2.91
CA SER A 230 -25.18 -6.34 1.76
C SER A 230 -25.15 -7.08 0.42
N SER A 231 -25.13 -8.41 0.44
CA SER A 231 -25.08 -9.21 -0.78
C SER A 231 -26.43 -9.26 -1.49
N VAL A 232 -26.39 -9.15 -2.81
CA VAL A 232 -27.59 -9.27 -3.64
C VAL A 232 -27.78 -10.74 -4.02
N PRO A 233 -29.02 -11.26 -3.93
CA PRO A 233 -29.27 -12.65 -4.35
C PRO A 233 -28.94 -12.89 -5.81
N PHE A 234 -28.60 -14.15 -6.12
CA PHE A 234 -28.35 -14.53 -7.51
C PHE A 234 -29.54 -14.16 -8.41
N GLU A 235 -30.75 -14.51 -7.99
CA GLU A 235 -31.94 -14.32 -8.81
C GLU A 235 -32.44 -12.88 -8.81
N GLY A 236 -31.72 -11.94 -8.19
CA GLY A 236 -32.13 -10.55 -8.14
C GLY A 236 -32.73 -10.20 -6.79
N GLY A 237 -33.25 -8.97 -6.71
CA GLY A 237 -34.05 -8.57 -5.56
C GLY A 237 -33.30 -7.75 -4.54
N LEU A 238 -33.93 -7.59 -3.38
CA LEU A 238 -33.36 -6.82 -2.28
C LEU A 238 -32.10 -7.49 -1.74
N LYS A 239 -31.19 -6.69 -1.20
CA LYS A 239 -30.03 -7.27 -0.54
C LYS A 239 -30.46 -8.08 0.69
N LEU A 240 -29.55 -8.94 1.16
CA LEU A 240 -29.87 -9.89 2.23
C LEU A 240 -30.42 -9.19 3.48
N GLY A 241 -29.81 -8.08 3.90
CA GLY A 241 -30.25 -7.36 5.09
C GLY A 241 -31.63 -6.74 4.99
N ASP A 242 -32.23 -6.76 3.79
CA ASP A 242 -33.57 -6.21 3.58
C ASP A 242 -34.65 -7.29 3.47
N GLN A 243 -34.28 -8.54 3.26
CA GLN A 243 -35.20 -9.68 3.25
C GLN A 243 -34.58 -10.84 4.03
N TYR A 244 -34.01 -10.52 5.20
CA TYR A 244 -33.18 -11.49 5.93
C TYR A 244 -33.98 -12.73 6.30
N GLN A 245 -35.12 -12.56 6.96
CA GLN A 245 -35.88 -13.72 7.41
C GLN A 245 -36.29 -14.60 6.23
N LYS A 246 -36.70 -14.01 5.10
CA LYS A 246 -37.07 -14.80 3.93
C LYS A 246 -35.92 -15.68 3.46
N LEU A 247 -34.73 -15.08 3.31
CA LEU A 247 -33.58 -15.84 2.83
C LEU A 247 -33.14 -16.89 3.83
N VAL A 248 -33.39 -16.66 5.12
CA VAL A 248 -33.09 -17.69 6.10
C VAL A 248 -34.10 -18.83 5.99
N LYS A 249 -35.36 -18.52 5.71
CA LYS A 249 -36.36 -19.56 5.53
C LYS A 249 -36.11 -20.38 4.27
N ASP A 250 -35.63 -19.74 3.19
CA ASP A 250 -35.38 -20.43 1.92
C ASP A 250 -34.00 -21.06 1.81
N PHE A 251 -33.06 -20.73 2.70
CA PHE A 251 -31.73 -21.33 2.70
C PHE A 251 -31.83 -22.86 2.69
N ASP A 252 -31.15 -23.48 1.72
CA ASP A 252 -31.18 -24.94 1.54
C ASP A 252 -29.93 -25.57 2.16
N VAL A 253 -30.10 -26.25 3.30
CA VAL A 253 -28.96 -26.76 4.06
C VAL A 253 -28.26 -27.90 3.32
N ASP A 254 -29.03 -28.73 2.62
CA ASP A 254 -28.42 -29.88 1.95
C ASP A 254 -27.66 -29.45 0.69
N VAL A 255 -28.19 -28.47 -0.04
CA VAL A 255 -27.43 -27.90 -1.15
C VAL A 255 -26.10 -27.34 -0.67
N PHE A 256 -26.13 -26.61 0.45
CA PHE A 256 -24.94 -25.98 1.00
C PHE A 256 -23.95 -27.00 1.52
N VAL A 257 -24.43 -28.01 2.26
CA VAL A 257 -23.52 -28.95 2.89
C VAL A 257 -22.82 -29.82 1.84
N GLU A 258 -23.43 -30.00 0.67
CA GLU A 258 -22.81 -30.85 -0.35
C GLU A 258 -21.66 -30.12 -1.03
N LYS A 259 -21.78 -28.81 -1.27
CA LYS A 259 -20.64 -28.06 -1.78
C LYS A 259 -19.52 -27.96 -0.75
N VAL A 260 -19.86 -27.77 0.53
CA VAL A 260 -18.83 -27.72 1.55
C VAL A 260 -18.07 -29.04 1.59
N LEU A 261 -18.81 -30.16 1.57
CA LEU A 261 -18.20 -31.48 1.56
C LEU A 261 -17.41 -31.75 0.28
N GLU A 262 -17.84 -31.18 -0.85
CA GLU A 262 -17.12 -31.37 -2.09
C GLU A 262 -15.72 -30.77 -2.04
N ILE A 263 -15.54 -29.57 -1.44
CA ILE A 263 -14.23 -28.92 -1.47
C ILE A 263 -13.31 -29.39 -0.36
N GLY A 264 -13.74 -30.34 0.46
CA GLY A 264 -12.86 -30.90 1.47
C GLY A 264 -12.81 -30.16 2.79
N ALA A 265 -13.59 -29.10 2.99
CA ALA A 265 -13.45 -28.29 4.19
C ALA A 265 -13.78 -29.11 5.42
N SER A 266 -12.96 -28.96 6.48
CA SER A 266 -13.24 -29.64 7.72
C SER A 266 -13.99 -28.78 8.75
N TRP A 267 -14.18 -27.50 8.48
CA TRP A 267 -15.04 -26.67 9.31
C TRP A 267 -15.64 -25.59 8.42
N VAL A 268 -16.65 -24.91 8.95
CA VAL A 268 -17.24 -23.74 8.31
C VAL A 268 -17.31 -22.62 9.35
N THR A 269 -16.78 -21.45 8.99
CA THR A 269 -16.95 -20.24 9.78
C THR A 269 -18.03 -19.41 9.10
N PHE A 270 -19.19 -19.31 9.76
CA PHE A 270 -20.39 -18.79 9.15
C PHE A 270 -20.70 -17.41 9.71
N THR A 271 -20.98 -16.47 8.83
CA THR A 271 -21.11 -15.07 9.18
C THR A 271 -22.48 -14.77 9.79
N CYS A 272 -22.49 -14.39 11.06
CA CYS A 272 -23.69 -13.86 11.73
C CYS A 272 -23.55 -12.36 11.85
N ALA A 273 -24.55 -11.63 11.40
CA ALA A 273 -24.59 -10.18 11.55
C ALA A 273 -23.36 -9.51 10.92
N HIS A 274 -23.25 -9.67 9.61
CA HIS A 274 -22.19 -9.02 8.84
C HIS A 274 -22.80 -7.84 8.11
N GLY A 275 -22.72 -6.67 8.72
CA GLY A 275 -23.27 -5.47 8.12
C GLY A 275 -24.49 -4.94 8.84
N THR A 276 -25.34 -5.85 9.32
CA THR A 276 -26.43 -5.53 10.24
C THR A 276 -26.31 -6.47 11.42
N GLN A 277 -27.23 -6.35 12.37
CA GLN A 277 -27.27 -7.26 13.52
C GLN A 277 -28.29 -8.37 13.35
N HIS A 278 -28.63 -8.72 12.11
CA HIS A 278 -29.51 -9.87 11.90
C HIS A 278 -28.79 -11.16 12.29
N TRP A 279 -29.51 -12.04 12.97
CA TRP A 279 -28.96 -13.25 13.57
C TRP A 279 -29.76 -14.44 13.11
N PRO A 280 -29.12 -15.48 12.56
CA PRO A 280 -29.85 -16.56 11.87
C PRO A 280 -30.37 -17.65 12.80
N GLY A 281 -31.06 -17.23 13.87
CA GLY A 281 -31.75 -18.16 14.73
C GLY A 281 -32.38 -17.46 15.92
N PRO A 282 -32.89 -18.22 16.89
CA PRO A 282 -33.51 -17.59 18.06
C PRO A 282 -32.45 -16.97 18.95
N SER A 283 -32.86 -15.91 19.66
CA SER A 283 -31.97 -15.25 20.61
C SER A 283 -32.82 -14.38 21.54
N LYS A 284 -33.01 -14.86 22.78
CA LYS A 284 -33.70 -14.05 23.79
C LYS A 284 -32.92 -12.78 24.11
N THR A 285 -31.59 -12.83 24.01
CA THR A 285 -30.81 -11.64 24.34
C THR A 285 -31.02 -10.53 23.31
N ILE A 286 -30.92 -10.87 22.02
CA ILE A 286 -31.11 -9.88 20.97
C ILE A 286 -32.54 -9.37 20.96
N ASP A 287 -33.52 -10.27 21.04
CA ASP A 287 -34.93 -9.84 21.08
C ASP A 287 -35.16 -8.84 22.20
N SER A 288 -34.48 -9.01 23.34
CA SER A 288 -34.74 -8.14 24.48
C SER A 288 -34.25 -6.71 24.26
N ILE A 289 -33.38 -6.48 23.28
CA ILE A 289 -32.95 -5.13 22.96
C ILE A 289 -33.90 -4.48 21.96
N LYS A 290 -34.17 -5.18 20.87
CA LYS A 290 -35.07 -4.67 19.84
C LYS A 290 -35.46 -5.86 18.96
N SER A 291 -36.75 -5.98 18.68
CA SER A 291 -37.26 -7.07 17.86
C SER A 291 -36.92 -6.86 16.38
N GLY A 292 -37.10 -7.92 15.59
CA GLY A 292 -36.89 -7.88 14.16
C GLY A 292 -35.58 -8.43 13.66
N PHE A 293 -34.69 -8.87 14.54
CA PHE A 293 -33.35 -9.27 14.13
C PHE A 293 -33.11 -10.77 14.19
N THR A 294 -33.99 -11.53 14.82
CA THR A 294 -33.83 -12.97 14.95
C THR A 294 -34.78 -13.68 13.99
N CYS A 295 -34.65 -15.01 13.94
CA CYS A 295 -35.43 -15.86 13.06
C CYS A 295 -36.13 -16.95 13.86
N GLU A 296 -37.30 -17.36 13.38
CA GLU A 296 -37.98 -18.53 13.92
C GLU A 296 -37.23 -19.82 13.55
N ARG A 297 -36.78 -19.92 12.30
CA ARG A 297 -35.93 -21.05 11.92
C ARG A 297 -34.56 -20.96 12.60
N ASP A 298 -34.19 -22.02 13.33
CA ASP A 298 -32.89 -22.14 13.97
C ASP A 298 -31.90 -22.67 12.95
N LEU A 299 -31.46 -21.77 12.05
CA LEU A 299 -30.53 -22.17 11.00
C LEU A 299 -29.20 -22.64 11.55
N ILE A 300 -28.74 -22.05 12.66
CA ILE A 300 -27.50 -22.48 13.27
C ILE A 300 -27.58 -23.95 13.65
N ARG A 301 -28.71 -24.36 14.25
CA ARG A 301 -28.93 -25.76 14.58
C ARG A 301 -28.87 -26.64 13.34
N GLU A 302 -29.52 -26.23 12.26
CA GLU A 302 -29.57 -27.11 11.10
C GLU A 302 -28.23 -27.16 10.38
N LEU A 303 -27.46 -26.07 10.45
CA LEU A 303 -26.11 -26.11 9.92
C LEU A 303 -25.24 -27.05 10.74
N ILE A 304 -25.39 -27.04 12.06
CA ILE A 304 -24.64 -27.95 12.92
C ILE A 304 -24.96 -29.41 12.55
N ASP A 305 -26.24 -29.75 12.45
CA ASP A 305 -26.62 -31.14 12.20
C ASP A 305 -26.30 -31.53 10.76
N GLY A 306 -26.51 -30.62 9.81
CA GLY A 306 -26.17 -30.90 8.44
C GLY A 306 -24.69 -31.19 8.29
N LEU A 307 -23.86 -30.25 8.73
CA LEU A 307 -22.42 -30.41 8.61
C LEU A 307 -21.91 -31.57 9.45
N GLY A 308 -22.48 -31.75 10.65
CA GLY A 308 -22.01 -32.80 11.56
C GLY A 308 -22.22 -34.24 11.07
N LYS A 309 -23.14 -34.45 10.12
CA LYS A 309 -23.24 -35.76 9.48
C LYS A 309 -21.92 -36.19 8.84
N HIS A 310 -21.06 -35.22 8.50
CA HIS A 310 -19.80 -35.46 7.83
C HIS A 310 -18.62 -35.09 8.70
N ASN A 311 -18.82 -34.98 10.02
CA ASN A 311 -17.80 -34.60 10.98
C ASN A 311 -17.22 -33.20 10.72
N ILE A 312 -17.94 -32.34 10.01
CA ILE A 312 -17.51 -30.97 9.74
C ILE A 312 -18.07 -30.05 10.82
N ARG A 313 -17.19 -29.27 11.46
CA ARG A 313 -17.54 -28.39 12.57
C ARG A 313 -18.02 -27.01 12.12
N LEU A 314 -18.66 -26.30 13.05
CA LEU A 314 -19.25 -24.99 12.76
C LEU A 314 -18.77 -23.99 13.80
N MET A 315 -18.12 -22.92 13.34
CA MET A 315 -17.78 -21.77 14.15
C MET A 315 -18.51 -20.57 13.59
N LEU A 316 -18.80 -19.62 14.47
CA LEU A 316 -19.51 -18.41 14.08
C LEU A 316 -18.55 -17.23 13.93
N TYR A 317 -18.80 -16.42 12.91
CA TYR A 317 -18.37 -15.04 12.88
C TYR A 317 -19.46 -14.15 13.50
N TYR A 318 -19.03 -13.16 14.28
CA TYR A 318 -19.94 -12.17 14.82
C TYR A 318 -19.28 -10.80 14.73
N ASN A 319 -20.05 -9.80 14.31
CA ASN A 319 -19.59 -8.42 14.27
C ASN A 319 -20.33 -7.65 15.35
N PRO A 320 -19.65 -7.17 16.39
CA PRO A 320 -20.31 -6.46 17.48
C PRO A 320 -20.48 -4.96 17.26
N ASN A 321 -20.15 -4.45 16.07
CA ASN A 321 -20.34 -3.04 15.78
C ASN A 321 -21.24 -2.75 14.60
N SER A 322 -21.25 -3.60 13.57
CA SER A 322 -21.93 -3.22 12.32
C SER A 322 -23.44 -3.33 12.50
N GLY A 323 -24.13 -2.21 12.33
CA GLY A 323 -25.55 -2.14 12.57
C GLY A 323 -25.95 -2.11 14.03
N MET A 324 -24.98 -2.02 14.94
CA MET A 324 -25.28 -1.97 16.37
C MET A 324 -26.05 -0.69 16.75
N GLU A 325 -25.86 0.38 15.99
CA GLU A 325 -26.59 1.62 16.27
C GLU A 325 -28.09 1.43 16.07
N ASP A 326 -28.50 0.49 15.21
CA ASP A 326 -29.91 0.21 14.97
C ASP A 326 -30.45 -0.95 15.80
N LEU A 327 -29.63 -1.52 16.69
CA LEU A 327 -30.09 -2.49 17.68
C LEU A 327 -29.98 -1.89 19.07
N TYR A 328 -28.76 -1.73 19.57
CA TYR A 328 -28.54 -1.23 20.93
C TYR A 328 -28.42 0.28 20.99
N GLY A 329 -27.99 0.93 19.92
CA GLY A 329 -27.62 2.33 19.97
C GLY A 329 -26.12 2.50 20.15
N ASN A 330 -25.74 3.67 20.67
CA ASN A 330 -24.33 3.95 20.88
C ASN A 330 -23.76 3.00 21.94
N THR A 331 -22.52 2.55 21.71
CA THR A 331 -21.88 1.67 22.68
C THR A 331 -21.84 2.30 24.08
N TYR A 332 -21.68 3.62 24.19
CA TYR A 332 -21.62 4.30 25.49
C TYR A 332 -22.97 4.86 25.96
N GLY A 333 -24.08 4.47 25.34
CA GLY A 333 -25.39 4.86 25.82
C GLY A 333 -25.84 6.25 25.38
N ASN A 334 -26.81 6.78 26.13
CA ASN A 334 -27.21 8.18 26.05
C ASN A 334 -26.97 8.89 27.38
N GLY A 335 -27.63 10.00 27.60
CA GLY A 335 -27.39 10.71 28.85
C GLY A 335 -26.04 11.39 28.85
N ASP A 336 -25.77 12.19 29.87
CA ASP A 336 -24.68 13.16 29.82
C ASP A 336 -23.32 12.48 29.75
N GLN A 337 -23.15 11.37 30.46
CA GLN A 337 -21.84 10.75 30.63
C GLN A 337 -21.80 9.36 29.99
N PRO A 338 -20.62 8.90 29.55
CA PRO A 338 -20.52 7.62 28.83
C PRO A 338 -20.51 6.43 29.78
N ASP A 339 -21.33 5.43 29.48
CA ASP A 339 -21.43 4.21 30.28
C ASP A 339 -21.51 3.00 29.35
N PRO A 340 -20.45 2.19 29.26
CA PRO A 340 -20.49 1.01 28.37
C PRO A 340 -21.17 -0.22 28.95
N SER A 341 -21.48 -0.21 30.27
CA SER A 341 -21.84 -1.46 30.95
C SER A 341 -23.05 -2.13 30.30
N GLY A 342 -24.00 -1.36 29.79
CA GLY A 342 -25.11 -1.95 29.07
C GLY A 342 -24.66 -2.66 27.80
N TYR A 343 -23.75 -2.04 27.05
CA TYR A 343 -23.22 -2.69 25.85
C TYR A 343 -22.50 -3.98 26.22
N PHE A 344 -21.57 -3.91 27.19
CA PHE A 344 -20.80 -5.08 27.61
C PHE A 344 -21.70 -6.23 28.04
N ASN A 345 -22.79 -5.92 28.74
CA ASN A 345 -23.66 -6.99 29.23
C ASN A 345 -24.40 -7.66 28.09
N PHE A 346 -24.86 -6.87 27.11
CA PHE A 346 -25.46 -7.45 25.92
C PHE A 346 -24.52 -8.45 25.27
N LEU A 347 -23.27 -8.06 25.08
CA LEU A 347 -22.31 -8.97 24.45
C LEU A 347 -22.11 -10.22 25.29
N GLU A 348 -21.89 -10.07 26.61
CA GLU A 348 -21.63 -11.22 27.46
C GLU A 348 -22.83 -12.17 27.48
N ALA A 349 -24.03 -11.61 27.65
CA ALA A 349 -25.23 -12.44 27.66
C ALA A 349 -25.45 -13.14 26.33
N HIS A 350 -25.18 -12.42 25.23
CA HIS A 350 -25.34 -13.00 23.90
C HIS A 350 -24.39 -14.18 23.69
N PHE A 351 -23.09 -13.96 23.93
CA PHE A 351 -22.12 -15.04 23.84
C PHE A 351 -22.51 -16.20 24.74
N ARG A 352 -22.96 -15.90 25.97
CA ARG A 352 -23.33 -16.96 26.90
C ARG A 352 -24.54 -17.74 26.40
N GLU A 353 -25.62 -17.06 26.02
CA GLU A 353 -26.83 -17.77 25.59
C GLU A 353 -26.53 -18.66 24.39
N VAL A 354 -25.81 -18.13 23.39
CA VAL A 354 -25.51 -18.94 22.21
C VAL A 354 -24.65 -20.14 22.61
N SER A 355 -23.62 -19.91 23.42
CA SER A 355 -22.75 -21.01 23.83
C SER A 355 -23.54 -22.11 24.54
N LEU A 356 -24.46 -21.73 25.43
CA LEU A 356 -25.25 -22.73 26.15
C LEU A 356 -26.32 -23.37 25.27
N ARG A 357 -26.89 -22.63 24.32
CA ARG A 357 -27.97 -23.16 23.49
C ARG A 357 -27.51 -24.35 22.64
N TYR A 358 -26.28 -24.32 22.13
CA TYR A 358 -25.82 -25.41 21.29
C TYR A 358 -24.79 -26.29 21.98
N GLY A 359 -24.12 -25.81 23.02
CA GLY A 359 -23.20 -26.66 23.73
C GLY A 359 -22.01 -27.07 22.88
N LYS A 360 -21.48 -28.25 23.19
CA LYS A 360 -20.35 -28.80 22.44
C LYS A 360 -20.69 -29.09 20.99
N ASP A 361 -21.97 -29.09 20.63
CA ASP A 361 -22.38 -29.27 19.23
C ASP A 361 -21.85 -28.15 18.34
N LEU A 362 -21.62 -26.97 18.89
CA LEU A 362 -21.10 -25.83 18.15
C LEU A 362 -19.63 -25.64 18.51
N ALA A 363 -18.76 -25.64 17.50
CA ALA A 363 -17.33 -25.54 17.75
C ALA A 363 -16.98 -24.25 18.47
N SER A 364 -17.63 -23.14 18.12
CA SER A 364 -17.43 -21.86 18.81
C SER A 364 -18.41 -20.82 18.31
N THR A 365 -18.99 -20.06 19.24
CA THR A 365 -19.71 -18.85 18.88
C THR A 365 -18.78 -17.61 18.73
N ALA A 366 -17.47 -17.81 18.72
CA ALA A 366 -16.50 -16.71 18.57
C ALA A 366 -15.28 -17.16 17.79
N GLY A 367 -15.49 -17.87 16.68
CA GLY A 367 -14.39 -18.21 15.81
C GLY A 367 -13.77 -16.98 15.16
N TYR A 368 -14.57 -15.95 14.91
CA TYR A 368 -14.06 -14.72 14.31
C TYR A 368 -14.98 -13.61 14.80
N ILE A 369 -14.50 -12.83 15.78
CA ILE A 369 -15.17 -11.63 16.26
C ILE A 369 -14.46 -10.44 15.62
N ASP A 370 -15.16 -9.72 14.74
CA ASP A 370 -14.51 -8.74 13.87
C ASP A 370 -14.13 -7.45 14.62
N ASP A 371 -13.03 -6.84 14.16
CA ASP A 371 -12.52 -5.55 14.63
C ASP A 371 -12.38 -5.50 16.15
N GLY A 372 -11.95 -6.61 16.72
CA GLY A 372 -11.53 -6.62 18.11
C GLY A 372 -10.50 -5.58 18.42
N GLY A 373 -9.55 -5.37 17.49
CA GLY A 373 -8.50 -4.36 17.61
C GLY A 373 -8.90 -2.92 17.32
N TRP A 374 -9.45 -2.66 16.13
CA TRP A 374 -9.81 -1.29 15.74
C TRP A 374 -10.96 -0.73 16.56
N LYS A 375 -11.87 -1.58 17.04
CA LYS A 375 -13.10 -1.07 17.62
C LYS A 375 -13.33 -1.53 19.05
N VAL A 376 -13.31 -2.85 19.31
CA VAL A 376 -13.69 -3.33 20.63
C VAL A 376 -12.68 -2.88 21.67
N TYR A 377 -11.39 -2.93 21.31
CA TYR A 377 -10.33 -2.58 22.24
C TYR A 377 -10.49 -1.16 22.80
N GLN A 378 -11.05 -0.24 22.01
CA GLN A 378 -11.11 1.16 22.45
C GLN A 378 -12.11 1.38 23.59
N LEU A 379 -12.94 0.41 23.93
CA LEU A 379 -13.86 0.57 25.05
C LEU A 379 -13.29 0.00 26.34
N ASP A 380 -12.08 -0.59 26.32
CA ASP A 380 -11.48 -1.21 27.51
C ASP A 380 -12.41 -2.31 28.00
N PRO A 381 -12.68 -3.34 27.19
CA PRO A 381 -13.74 -4.29 27.50
C PRO A 381 -13.27 -5.32 28.52
N PRO A 382 -14.20 -5.96 29.22
CA PRO A 382 -13.84 -7.10 30.08
C PRO A 382 -13.61 -8.37 29.27
N TRP A 383 -12.39 -8.56 28.75
CA TRP A 383 -12.13 -9.69 27.83
C TRP A 383 -12.48 -11.02 28.47
N GLU A 384 -12.07 -11.22 29.73
CA GLU A 384 -12.25 -12.50 30.42
C GLU A 384 -13.72 -12.87 30.53
N LYS A 385 -14.59 -11.91 30.86
CA LYS A 385 -16.02 -12.23 30.92
C LYS A 385 -16.53 -12.70 29.56
N PHE A 386 -16.16 -12.00 28.48
CA PHE A 386 -16.55 -12.46 27.14
C PHE A 386 -16.11 -13.89 26.91
N VAL A 387 -14.84 -14.20 27.24
CA VAL A 387 -14.27 -15.52 26.98
C VAL A 387 -14.95 -16.59 27.81
N LYS A 388 -15.18 -16.31 29.10
CA LYS A 388 -15.90 -17.27 29.91
C LYS A 388 -17.31 -17.48 29.38
N ALA A 389 -17.94 -16.42 28.84
CA ALA A 389 -19.23 -16.59 28.19
C ALA A 389 -19.13 -17.50 26.96
N ILE A 390 -18.11 -17.30 26.12
CA ILE A 390 -17.95 -18.09 24.89
C ILE A 390 -17.75 -19.57 25.22
N LYS A 391 -17.02 -19.87 26.28
CA LYS A 391 -16.70 -21.26 26.62
C LYS A 391 -17.71 -21.90 27.57
N ALA A 392 -18.79 -21.19 27.94
CA ALA A 392 -19.70 -21.68 28.97
C ALA A 392 -20.36 -23.00 28.57
N GLY A 393 -20.75 -23.14 27.31
CA GLY A 393 -21.45 -24.32 26.83
C GLY A 393 -20.52 -25.31 26.16
N ASN A 394 -19.29 -24.87 25.86
CA ASN A 394 -18.31 -25.69 25.16
C ASN A 394 -16.95 -25.24 25.66
N PRO A 395 -16.37 -25.92 26.65
CA PRO A 395 -15.13 -25.43 27.27
C PRO A 395 -13.90 -25.53 26.38
N ASN A 396 -13.99 -26.17 25.21
CA ASN A 396 -12.88 -26.20 24.26
C ASN A 396 -13.11 -25.26 23.07
N ALA A 397 -14.09 -24.37 23.17
CA ALA A 397 -14.46 -23.48 22.07
C ALA A 397 -13.34 -22.47 21.80
N PRO A 398 -12.70 -22.53 20.63
CA PRO A 398 -11.59 -21.60 20.37
C PRO A 398 -12.11 -20.17 20.24
N VAL A 399 -11.48 -19.25 20.95
CA VAL A 399 -11.89 -17.85 20.91
C VAL A 399 -10.96 -17.12 19.93
N GLY A 400 -11.57 -16.53 18.90
CA GLY A 400 -10.81 -15.77 17.91
C GLY A 400 -11.31 -14.34 17.78
N PHE A 401 -10.77 -13.45 18.61
CA PHE A 401 -11.01 -12.02 18.42
C PHE A 401 -10.11 -11.52 17.31
N SER A 402 -10.69 -10.90 16.28
CA SER A 402 -9.87 -10.29 15.24
C SER A 402 -9.07 -9.15 15.83
N GLN A 403 -7.74 -9.31 15.87
CA GLN A 403 -6.84 -8.29 16.37
C GLN A 403 -6.35 -7.35 15.29
N ASN A 404 -6.84 -7.49 14.05
CA ASN A 404 -6.45 -6.58 12.97
C ASN A 404 -4.93 -6.55 12.93
N LEU A 405 -4.28 -5.38 12.87
CA LEU A 405 -2.83 -5.31 12.80
C LEU A 405 -2.16 -5.10 14.17
N PHE A 406 -2.90 -5.39 15.29
CA PHE A 406 -2.50 -5.25 16.68
C PHE A 406 -1.94 -6.55 17.26
N PRO A 407 -1.12 -6.46 18.31
CA PRO A 407 -0.62 -7.70 18.93
C PRO A 407 -1.75 -8.38 19.70
N ASN A 408 -1.45 -9.42 20.49
CA ASN A 408 -2.51 -10.17 21.15
C ASN A 408 -3.39 -9.26 21.99
N LEU A 409 -4.70 -9.32 21.73
CA LEU A 409 -5.65 -8.43 22.38
C LEU A 409 -5.78 -8.74 23.87
N THR A 410 -5.78 -10.02 24.24
CA THR A 410 -5.99 -10.43 25.60
C THR A 410 -5.28 -11.77 25.79
N PRO A 411 -4.72 -12.03 26.99
CA PRO A 411 -4.12 -13.35 27.27
C PRO A 411 -5.08 -14.52 27.04
N PHE A 412 -6.40 -14.28 27.06
CA PHE A 412 -7.40 -15.32 26.89
C PHE A 412 -7.74 -15.61 25.43
N SER A 413 -7.02 -15.04 24.47
CA SER A 413 -7.18 -15.42 23.08
C SER A 413 -6.77 -16.88 22.85
N ASP A 414 -7.27 -17.48 21.76
CA ASP A 414 -6.76 -18.77 21.31
C ASP A 414 -6.05 -18.70 19.98
N LEU A 415 -6.59 -17.96 19.01
CA LEU A 415 -6.15 -18.00 17.62
C LEU A 415 -5.65 -16.63 17.18
N VAL A 416 -4.60 -16.60 16.36
CA VAL A 416 -4.30 -15.39 15.59
C VAL A 416 -5.43 -15.15 14.61
N VAL A 417 -5.95 -13.93 14.58
CA VAL A 417 -7.10 -13.61 13.73
C VAL A 417 -6.91 -12.24 13.13
N SER A 418 -6.83 -12.17 11.79
CA SER A 418 -6.95 -10.89 11.11
C SER A 418 -7.40 -11.14 9.69
N ASP A 419 -7.70 -10.06 8.97
CA ASP A 419 -8.19 -10.12 7.60
C ASP A 419 -7.01 -10.13 6.63
N GLY A 420 -6.85 -11.24 5.91
CA GLY A 420 -5.78 -11.40 4.95
C GLY A 420 -6.08 -10.96 3.54
N SER A 421 -7.24 -10.34 3.29
CA SER A 421 -7.69 -9.97 1.93
C SER A 421 -7.49 -11.19 1.04
N GLY A 422 -6.94 -11.03 -0.18
CA GLY A 422 -6.67 -12.17 -1.02
C GLY A 422 -5.21 -12.54 -1.18
N ARG A 423 -4.37 -12.18 -0.21
CA ARG A 423 -2.93 -12.32 -0.31
C ARG A 423 -2.47 -13.70 0.13
N VAL A 424 -1.26 -14.08 -0.30
CA VAL A 424 -0.55 -15.23 0.24
C VAL A 424 -0.48 -15.05 1.75
N PRO A 425 -0.79 -16.07 2.54
CA PRO A 425 -0.70 -15.93 4.00
C PRO A 425 0.72 -15.64 4.46
N GLU A 426 0.85 -14.65 5.33
CA GLU A 426 2.10 -14.35 6.01
C GLU A 426 2.48 -15.50 6.93
N ILE A 427 3.75 -15.89 6.89
CA ILE A 427 4.32 -16.80 7.88
C ILE A 427 4.92 -15.94 8.98
N GLN A 428 4.25 -15.89 10.12
CA GLN A 428 4.71 -15.09 11.25
C GLN A 428 5.85 -15.81 11.96
N PRO A 429 7.00 -15.15 12.15
CA PRO A 429 8.17 -15.83 12.71
C PRO A 429 7.93 -16.38 14.10
N ALA A 430 8.72 -17.40 14.43
CA ALA A 430 8.48 -18.19 15.63
C ALA A 430 8.58 -17.35 16.90
N PHE A 431 9.51 -16.39 16.95
CA PHE A 431 9.78 -15.69 18.19
C PHE A 431 8.61 -14.82 18.66
N LEU A 432 7.70 -14.46 17.74
CA LEU A 432 6.51 -13.71 18.15
C LEU A 432 5.65 -14.47 19.15
N PHE A 433 5.78 -15.79 19.21
CA PHE A 433 4.92 -16.64 20.01
C PHE A 433 5.57 -17.10 21.30
N GLU A 434 6.80 -16.66 21.56
CA GLU A 434 7.53 -17.01 22.74
C GLU A 434 7.09 -16.14 23.91
N LYS A 435 7.53 -16.51 25.12
CA LYS A 435 7.16 -15.74 26.30
C LYS A 435 7.70 -14.32 26.15
N GLY A 436 6.85 -13.34 26.48
CA GLY A 436 7.13 -11.96 26.19
C GLY A 436 6.70 -11.51 24.80
N GLY A 437 6.50 -12.45 23.86
CA GLY A 437 6.32 -12.07 22.48
C GLY A 437 5.02 -11.32 22.22
N GLN A 438 4.99 -10.65 21.06
CA GLN A 438 3.81 -9.94 20.60
C GLN A 438 2.57 -10.81 20.59
N LEU A 439 2.72 -12.10 20.30
CA LEU A 439 1.59 -13.00 20.09
C LEU A 439 1.60 -14.18 21.06
N GLU A 440 2.34 -14.07 22.15
CA GLU A 440 2.42 -15.13 23.14
C GLU A 440 1.02 -15.55 23.59
N GLY A 441 0.77 -16.87 23.55
CA GLY A 441 -0.51 -17.42 23.94
C GLY A 441 -1.44 -17.74 22.78
N GLN A 442 -1.17 -17.19 21.61
CA GLN A 442 -1.98 -17.47 20.42
C GLN A 442 -1.33 -18.56 19.58
N TYR A 443 -2.13 -19.14 18.70
CA TYR A 443 -1.70 -20.13 17.73
C TYR A 443 -1.93 -19.61 16.32
N PRO A 444 -0.96 -19.74 15.41
CA PRO A 444 -1.12 -19.16 14.07
C PRO A 444 -2.33 -19.73 13.36
N ALA A 445 -2.98 -18.87 12.58
CA ALA A 445 -4.11 -19.24 11.75
C ALA A 445 -4.24 -18.17 10.67
N SER A 446 -4.77 -18.58 9.52
CA SER A 446 -4.86 -17.70 8.37
C SER A 446 -6.32 -17.58 7.92
N TRP A 447 -6.73 -16.36 7.60
CA TRP A 447 -8.11 -16.06 7.23
C TRP A 447 -8.03 -15.19 5.99
N PHE A 448 -8.48 -15.70 4.85
CA PHE A 448 -8.39 -14.90 3.63
C PHE A 448 -9.36 -15.44 2.61
N TYR A 449 -9.47 -14.74 1.49
CA TYR A 449 -10.44 -15.11 0.49
C TYR A 449 -9.76 -15.49 -0.82
N MET A 450 -10.43 -16.38 -1.56
CA MET A 450 -9.97 -16.73 -2.91
C MET A 450 -10.40 -15.69 -3.92
N ASP A 451 -11.68 -15.35 -3.93
CA ASP A 451 -12.25 -14.44 -4.91
C ASP A 451 -12.72 -13.12 -4.31
N GLY A 452 -13.41 -13.17 -3.17
CA GLY A 452 -13.87 -11.98 -2.46
C GLY A 452 -14.48 -12.39 -1.15
N TRP A 453 -14.75 -11.38 -0.31
CA TRP A 453 -15.43 -11.63 0.96
C TRP A 453 -16.93 -11.78 0.75
N SER A 454 -17.59 -10.71 0.29
CA SER A 454 -19.02 -10.75 0.00
C SER A 454 -19.24 -10.95 -1.50
N SER A 455 -20.21 -11.80 -1.83
CA SER A 455 -20.53 -12.07 -3.23
C SER A 455 -21.07 -10.81 -3.90
N ARG A 456 -20.65 -10.60 -5.15
CA ARG A 456 -21.08 -9.47 -5.99
C ARG A 456 -21.54 -10.07 -7.33
N VAL A 457 -22.74 -10.62 -7.37
CA VAL A 457 -23.25 -11.29 -8.56
C VAL A 457 -24.13 -10.30 -9.33
N LYS A 458 -23.70 -9.95 -10.54
CA LYS A 458 -24.47 -9.08 -11.43
C LYS A 458 -24.87 -9.87 -12.68
N ASN A 459 -26.18 -9.95 -12.93
CA ASN A 459 -26.73 -10.62 -14.12
C ASN A 459 -26.37 -12.10 -14.14
N GLY A 460 -26.68 -12.79 -13.05
CA GLY A 460 -26.44 -14.22 -12.95
C GLY A 460 -25.02 -14.68 -13.22
N LYS A 461 -24.05 -13.79 -13.09
CA LYS A 461 -22.64 -14.13 -13.26
C LYS A 461 -21.84 -13.57 -12.10
N PHE A 462 -20.98 -14.40 -11.51
CA PHE A 462 -20.09 -13.96 -10.45
C PHE A 462 -19.06 -12.99 -11.01
N THR A 463 -18.77 -11.91 -10.29
CA THR A 463 -17.90 -10.86 -10.82
C THR A 463 -16.53 -10.77 -10.16
N GLN A 464 -16.28 -11.54 -9.09
CA GLN A 464 -14.99 -11.60 -8.43
C GLN A 464 -14.34 -12.93 -8.80
N LYS A 465 -13.32 -12.90 -9.65
CA LYS A 465 -12.61 -14.12 -10.02
C LYS A 465 -11.54 -14.43 -8.97
N PRO A 466 -11.08 -15.68 -8.90
CA PRO A 466 -9.96 -16.00 -8.00
C PRO A 466 -8.71 -15.20 -8.35
N LYS A 467 -7.89 -14.97 -7.32
CA LYS A 467 -6.70 -14.14 -7.50
C LYS A 467 -5.55 -14.94 -8.11
N PHE A 468 -5.40 -16.19 -7.74
CA PHE A 468 -4.21 -16.93 -8.10
C PHE A 468 -4.56 -18.16 -8.94
N SER A 469 -3.53 -18.70 -9.59
CA SER A 469 -3.68 -19.96 -10.29
C SER A 469 -3.91 -21.08 -9.28
N ALA A 470 -4.49 -22.18 -9.77
CA ALA A 470 -4.68 -23.34 -8.91
C ALA A 470 -3.36 -23.87 -8.39
N GLU A 471 -2.29 -23.73 -9.17
CA GLU A 471 -0.98 -24.18 -8.72
C GLU A 471 -0.49 -23.36 -7.53
N LYS A 472 -0.71 -22.04 -7.54
CA LYS A 472 -0.30 -21.22 -6.40
C LYS A 472 -1.10 -21.55 -5.13
N TYR A 473 -2.43 -21.70 -5.25
CA TYR A 473 -3.21 -22.08 -4.08
C TYR A 473 -2.74 -23.41 -3.51
N ILE A 474 -2.38 -24.36 -4.36
CA ILE A 474 -1.88 -25.64 -3.86
C ILE A 474 -0.64 -25.42 -3.02
N GLU A 475 0.27 -24.56 -3.49
CA GLU A 475 1.47 -24.23 -2.73
C GLU A 475 1.12 -23.56 -1.40
N ILE A 476 0.22 -22.58 -1.42
CA ILE A 476 -0.24 -21.94 -0.18
C ILE A 476 -0.71 -22.99 0.81
N PHE A 477 -1.70 -23.81 0.39
CA PHE A 477 -2.29 -24.76 1.31
C PHE A 477 -1.28 -25.83 1.73
N LYS A 478 -0.38 -26.21 0.82
CA LYS A 478 0.65 -27.18 1.13
C LYS A 478 1.61 -26.66 2.18
N LYS A 479 1.99 -25.38 2.10
CA LYS A 479 2.90 -24.82 3.10
C LYS A 479 2.21 -24.67 4.45
N ALA A 480 0.96 -24.23 4.45
CA ALA A 480 0.23 -24.12 5.71
C ALA A 480 0.07 -25.47 6.37
N ASP A 481 -0.09 -26.53 5.57
CA ASP A 481 -0.10 -27.89 6.12
C ASP A 481 1.26 -28.26 6.67
N GLN A 482 2.34 -27.93 5.96
CA GLN A 482 3.67 -28.28 6.42
C GLN A 482 3.98 -27.64 7.77
N VAL A 483 3.51 -26.42 8.01
CA VAL A 483 3.79 -25.74 9.29
C VAL A 483 2.63 -25.86 10.29
N ASN A 484 1.63 -26.69 9.99
CA ASN A 484 0.49 -26.94 10.91
C ASN A 484 -0.25 -25.64 11.25
N MET A 485 -0.44 -24.80 10.24
CA MET A 485 -1.18 -23.57 10.41
C MET A 485 -2.56 -23.72 9.76
N PRO A 486 -3.64 -23.74 10.52
CA PRO A 486 -4.96 -23.89 9.90
C PRO A 486 -5.29 -22.69 9.01
N ILE A 487 -6.00 -22.96 7.92
CA ILE A 487 -6.42 -21.96 6.93
C ILE A 487 -7.94 -21.96 6.86
N THR A 488 -8.55 -20.79 6.87
CA THR A 488 -9.98 -20.64 6.66
C THR A 488 -10.13 -19.72 5.47
N ILE A 489 -10.43 -20.29 4.31
CA ILE A 489 -10.50 -19.57 3.05
C ILE A 489 -11.95 -19.25 2.73
N ASN A 490 -12.19 -18.04 2.24
CA ASN A 490 -13.53 -17.59 1.87
C ASN A 490 -13.74 -17.76 0.37
N LEU A 491 -14.84 -18.41 0.00
CA LEU A 491 -15.33 -18.40 -1.36
C LEU A 491 -16.66 -17.66 -1.31
N ALA A 492 -16.75 -16.58 -2.09
CA ALA A 492 -17.96 -15.75 -2.10
C ALA A 492 -19.18 -16.59 -2.45
N MET A 493 -20.27 -16.35 -1.72
CA MET A 493 -21.45 -17.19 -1.81
C MET A 493 -22.68 -16.32 -2.03
N THR A 494 -23.54 -16.75 -2.95
CA THR A 494 -24.83 -16.08 -3.14
C THR A 494 -25.68 -16.26 -1.88
N PRO A 495 -26.37 -15.22 -1.43
CA PRO A 495 -27.13 -15.34 -0.18
C PRO A 495 -28.40 -16.15 -0.32
N ASP A 496 -28.93 -16.29 -1.55
CA ASP A 496 -30.03 -17.21 -1.84
C ASP A 496 -29.43 -18.59 -2.11
N VAL A 497 -29.33 -19.40 -1.07
CA VAL A 497 -28.81 -20.76 -1.20
C VAL A 497 -29.97 -21.67 -1.60
N THR A 498 -30.10 -21.93 -2.90
CA THR A 498 -31.16 -22.80 -3.38
C THR A 498 -30.59 -23.76 -4.40
N LYS A 499 -31.48 -24.56 -5.00
CA LYS A 499 -31.13 -25.49 -6.07
C LYS A 499 -30.97 -24.80 -7.41
N GLY A 500 -31.47 -23.57 -7.57
CA GLY A 500 -31.58 -22.94 -8.88
C GLY A 500 -30.27 -22.60 -9.59
N HIS A 501 -29.15 -22.53 -8.86
CA HIS A 501 -27.94 -21.91 -9.41
C HIS A 501 -26.70 -22.31 -8.62
N PRO A 502 -25.49 -22.07 -9.12
CA PRO A 502 -24.31 -22.25 -8.25
C PRO A 502 -24.35 -21.25 -7.11
N ILE A 503 -24.05 -21.71 -5.90
CA ILE A 503 -23.95 -20.78 -4.79
C ILE A 503 -22.53 -20.28 -4.62
N PHE A 504 -21.53 -21.01 -5.14
CA PHE A 504 -20.14 -20.58 -5.18
C PHE A 504 -19.69 -20.44 -6.62
N ASN A 505 -18.73 -19.55 -6.84
CA ASN A 505 -18.10 -19.38 -8.14
C ASN A 505 -17.50 -20.70 -8.62
N PRO A 506 -17.95 -21.24 -9.77
CA PRO A 506 -17.47 -22.57 -10.19
C PRO A 506 -15.97 -22.61 -10.46
N GLU A 507 -15.39 -21.51 -10.94
CA GLU A 507 -13.92 -21.45 -11.00
C GLU A 507 -13.31 -21.61 -9.61
N SER A 508 -13.88 -20.95 -8.60
CA SER A 508 -13.36 -21.09 -7.24
C SER A 508 -13.48 -22.52 -6.76
N ILE A 509 -14.66 -23.13 -6.98
CA ILE A 509 -14.89 -24.52 -6.61
C ILE A 509 -13.89 -25.44 -7.31
N GLU A 510 -13.66 -25.22 -8.61
CA GLU A 510 -12.73 -26.09 -9.32
C GLU A 510 -11.34 -25.99 -8.71
N ILE A 511 -10.89 -24.78 -8.40
CA ILE A 511 -9.59 -24.64 -7.75
C ILE A 511 -9.56 -25.46 -6.48
N MET A 512 -10.58 -25.33 -5.64
CA MET A 512 -10.55 -25.97 -4.34
C MET A 512 -10.62 -27.48 -4.43
N LYS A 513 -11.19 -28.01 -5.53
CA LYS A 513 -11.16 -29.46 -5.73
C LYS A 513 -9.74 -29.95 -6.00
N LYS A 514 -8.96 -29.19 -6.77
CA LYS A 514 -7.56 -29.56 -6.94
C LYS A 514 -6.79 -29.41 -5.63
N VAL A 515 -7.08 -28.34 -4.87
CA VAL A 515 -6.41 -28.17 -3.58
C VAL A 515 -6.66 -29.40 -2.72
N ARG A 516 -7.93 -29.84 -2.68
CA ARG A 516 -8.30 -31.01 -1.89
C ARG A 516 -7.53 -32.25 -2.32
N LYS A 517 -7.37 -32.44 -3.63
CA LYS A 517 -6.59 -33.56 -4.13
C LYS A 517 -5.15 -33.49 -3.65
N ALA A 518 -4.49 -32.32 -3.84
CA ALA A 518 -3.06 -32.22 -3.54
C ALA A 518 -2.76 -32.34 -2.06
N VAL A 519 -3.70 -31.97 -1.18
CA VAL A 519 -3.43 -31.86 0.24
C VAL A 519 -4.14 -32.95 1.04
N LYS A 520 -5.38 -33.29 0.65
CA LYS A 520 -6.20 -34.22 1.43
C LYS A 520 -6.47 -35.56 0.75
N GLY A 521 -6.10 -35.71 -0.54
CA GLY A 521 -6.28 -36.96 -1.25
C GLY A 521 -5.15 -37.95 -1.03
N TYR A 522 -5.22 -39.05 -1.77
CA TYR A 522 -4.20 -40.09 -1.69
C TYR A 522 -2.88 -39.62 -2.30
N LEU A 523 -1.76 -39.92 -1.62
CA LEU A 523 -0.42 -39.46 -2.01
C LEU A 523 0.51 -40.64 -2.29
N GLU A 524 1.02 -40.71 -3.52
CA GLU A 524 2.02 -41.70 -3.91
C GLU A 524 2.53 -41.42 -5.33
N LYS B 25 15.13 21.54 12.39
CA LYS B 25 16.28 20.72 12.04
C LYS B 25 16.22 20.14 10.61
N ASN B 26 16.01 21.02 9.61
CA ASN B 26 16.00 20.63 8.21
C ASN B 26 17.44 20.59 7.68
N VAL B 27 17.90 19.42 7.30
CA VAL B 27 19.29 19.20 6.91
C VAL B 27 19.40 19.23 5.39
N THR B 28 20.45 19.86 4.88
CA THR B 28 20.59 20.04 3.44
C THR B 28 22.07 20.26 3.12
N HIS B 29 22.64 19.39 2.28
CA HIS B 29 23.99 19.59 1.77
C HIS B 29 24.05 20.90 0.99
N PRO B 30 25.20 21.57 0.97
CA PRO B 30 25.29 22.83 0.21
C PRO B 30 24.79 22.73 -1.24
N TYR B 31 24.86 21.57 -1.88
CA TYR B 31 24.35 21.49 -3.25
C TYR B 31 22.83 21.65 -3.30
N TRP B 32 22.12 21.09 -2.32
CA TRP B 32 20.66 21.16 -2.26
C TRP B 32 20.16 22.37 -1.49
N ALA B 33 21.04 23.22 -0.97
CA ALA B 33 20.62 24.24 -0.04
C ALA B 33 19.87 25.36 -0.76
N PRO B 34 18.98 26.06 -0.06
CA PRO B 34 18.32 27.22 -0.67
C PRO B 34 19.33 28.22 -1.20
N LYS B 35 19.04 28.75 -2.38
CA LYS B 35 19.92 29.65 -3.10
C LYS B 35 19.05 30.46 -4.06
N THR B 36 19.58 31.58 -4.50
CA THR B 36 18.85 32.43 -5.44
C THR B 36 18.71 31.73 -6.78
N TRP B 37 17.50 31.72 -7.33
CA TRP B 37 17.23 30.97 -8.55
C TRP B 37 17.06 31.93 -9.73
N LYS B 38 17.73 31.61 -10.82
CA LYS B 38 17.75 32.44 -12.01
C LYS B 38 16.61 32.03 -12.95
N LEU B 39 15.69 32.94 -13.23
CA LEU B 39 14.58 32.66 -14.13
C LEU B 39 15.07 32.70 -15.58
N ARG B 40 14.65 31.70 -16.36
CA ARG B 40 14.98 31.62 -17.78
C ARG B 40 13.76 32.15 -18.51
N ALA B 41 13.83 33.41 -18.93
CA ALA B 41 12.64 34.17 -19.30
C ALA B 41 11.93 33.61 -20.53
N ASP B 42 12.60 32.79 -21.34
CA ASP B 42 11.97 32.17 -22.49
C ASP B 42 11.67 30.69 -22.26
N ASP B 43 11.49 30.27 -21.00
CA ASP B 43 11.39 28.85 -20.68
C ASP B 43 10.52 28.67 -19.43
N ILE B 44 10.12 27.41 -19.20
CA ILE B 44 9.57 27.01 -17.91
C ILE B 44 10.72 26.83 -16.94
N THR B 45 10.70 27.59 -15.85
CA THR B 45 11.66 27.46 -14.77
C THR B 45 11.00 26.72 -13.60
N THR B 46 11.76 25.81 -13.01
CA THR B 46 11.23 24.81 -12.10
C THR B 46 12.07 24.85 -10.85
N ILE B 47 11.42 24.98 -9.69
CA ILE B 47 12.14 25.18 -8.45
C ILE B 47 11.54 24.30 -7.37
N MET B 48 12.35 23.39 -6.83
CA MET B 48 11.88 22.49 -5.79
C MET B 48 11.55 23.27 -4.53
N GLY B 49 10.58 22.76 -3.78
CA GLY B 49 10.20 23.38 -2.51
C GLY B 49 11.36 23.54 -1.54
N PHE B 50 12.26 22.54 -1.47
CA PHE B 50 13.38 22.64 -0.51
C PHE B 50 14.43 23.69 -0.90
N ARG B 51 14.28 24.38 -2.04
CA ARG B 51 15.13 25.50 -2.39
C ARG B 51 14.67 26.81 -1.79
N ALA B 52 13.58 26.79 -1.01
CA ALA B 52 13.07 27.97 -0.34
C ALA B 52 13.44 27.94 1.15
N LYS B 53 13.52 29.12 1.75
CA LYS B 53 13.63 29.22 3.20
C LYS B 53 12.30 28.82 3.82
N LEU B 54 12.34 27.92 4.81
CA LEU B 54 11.14 27.36 5.41
C LEU B 54 10.93 27.97 6.81
N LYS B 55 9.67 28.31 7.12
CA LYS B 55 9.29 28.89 8.42
C LYS B 55 8.27 28.00 9.12
N GLY B 56 8.20 28.13 10.44
CA GLY B 56 7.16 27.45 11.20
C GLY B 56 7.37 25.94 11.23
N ASN B 57 6.29 25.19 10.95
CA ASN B 57 6.33 23.73 10.95
C ASN B 57 6.93 23.13 9.68
N LEU B 58 7.14 23.92 8.63
CA LEU B 58 7.53 23.35 7.34
C LEU B 58 8.77 22.48 7.47
N ASN B 59 8.76 21.31 6.81
CA ASN B 59 9.88 20.39 6.94
C ASN B 59 9.97 19.44 5.75
N HIS B 60 11.16 18.88 5.56
CA HIS B 60 11.40 17.85 4.55
C HIS B 60 12.35 16.81 5.12
N LEU B 61 12.38 15.64 4.48
CA LEU B 61 13.38 14.62 4.78
C LEU B 61 14.79 15.16 4.51
N ASP B 62 15.77 14.69 5.29
CA ASP B 62 17.11 15.25 5.21
C ASP B 62 17.76 14.95 3.85
N ARG B 63 18.57 15.88 3.36
CA ARG B 63 19.37 15.68 2.15
C ARG B 63 20.83 15.91 2.50
N PRO B 64 21.48 14.96 3.18
CA PRO B 64 22.81 15.21 3.76
C PRO B 64 23.97 15.12 2.78
N THR B 65 23.79 14.55 1.60
CA THR B 65 24.92 14.34 0.69
C THR B 65 24.64 15.02 -0.64
N PRO B 66 25.56 15.00 -1.62
CA PRO B 66 25.20 15.45 -2.97
C PRO B 66 24.26 14.51 -3.72
N THR B 67 23.95 13.32 -3.20
CA THR B 67 23.04 12.43 -3.90
C THR B 67 21.60 12.94 -3.76
N VAL B 68 20.86 12.84 -4.86
CA VAL B 68 19.44 13.20 -4.85
C VAL B 68 18.70 12.31 -3.84
N VAL B 69 17.69 12.90 -3.19
CA VAL B 69 16.79 12.18 -2.30
C VAL B 69 15.39 12.26 -2.91
N ASN B 70 14.79 11.09 -3.17
CA ASN B 70 13.52 11.05 -3.87
C ASN B 70 12.43 11.81 -3.11
N ASN B 71 12.35 11.62 -1.79
CA ASN B 71 11.24 12.17 -1.01
C ASN B 71 11.57 13.61 -0.64
N ALA B 72 11.30 14.49 -1.58
CA ALA B 72 11.66 15.89 -1.46
C ALA B 72 10.52 16.77 -0.95
N PHE B 73 9.35 16.19 -0.67
CA PHE B 73 8.15 16.97 -0.40
C PHE B 73 8.33 17.83 0.85
N ILE B 74 7.66 18.98 0.85
CA ILE B 74 7.58 19.86 2.01
C ILE B 74 6.24 19.60 2.70
N ARG B 75 6.28 19.25 3.99
CA ARG B 75 5.08 19.00 4.77
C ARG B 75 5.00 19.95 5.94
N GLY B 76 3.78 20.13 6.46
CA GLY B 76 3.54 20.90 7.66
C GLY B 76 2.84 22.24 7.45
N PHE B 77 1.97 22.31 6.44
CA PHE B 77 1.23 23.55 6.16
C PHE B 77 -0.04 23.55 7.02
N LEU B 78 0.14 23.83 8.32
CA LEU B 78 -0.95 23.73 9.28
C LEU B 78 -1.54 25.06 9.70
N THR B 79 -0.77 26.16 9.62
CA THR B 79 -1.18 27.46 10.12
C THR B 79 -0.72 28.55 9.16
N LYS B 80 -1.29 29.74 9.36
CA LYS B 80 -0.97 30.92 8.56
C LYS B 80 0.50 31.32 8.66
N GLU B 81 1.25 30.82 9.64
CA GLU B 81 2.65 31.20 9.81
C GLU B 81 3.63 30.20 9.21
N ASP B 82 3.14 29.14 8.57
CA ASP B 82 3.98 28.10 7.99
C ASP B 82 4.21 28.47 6.52
N VAL B 83 5.25 29.26 6.28
CA VAL B 83 5.48 29.98 5.03
C VAL B 83 6.81 29.56 4.43
N MET B 84 6.83 29.38 3.11
CA MET B 84 8.09 29.10 2.41
C MET B 84 8.39 30.27 1.48
N THR B 85 9.67 30.61 1.37
CA THR B 85 10.06 31.80 0.61
C THR B 85 11.26 31.47 -0.27
N TRP B 86 11.07 31.54 -1.57
CA TRP B 86 12.14 31.45 -2.55
C TRP B 86 12.70 32.84 -2.84
N GLU B 87 13.93 32.86 -3.29
CA GLU B 87 14.56 34.07 -3.81
C GLU B 87 14.91 33.80 -5.27
N VAL B 88 14.29 34.54 -6.17
CA VAL B 88 14.49 34.37 -7.60
C VAL B 88 14.91 35.69 -8.20
N GLU B 89 15.57 35.59 -9.36
CA GLU B 89 16.16 36.72 -10.07
C GLU B 89 15.73 36.62 -11.52
N ALA B 90 14.92 37.60 -11.97
CA ALA B 90 14.36 37.79 -13.30
C ALA B 90 15.26 38.71 -14.13
N PRO B 91 15.40 38.46 -15.44
CA PRO B 91 16.21 39.35 -16.28
C PRO B 91 15.49 40.61 -16.74
N TYR B 92 14.17 40.66 -16.59
CA TYR B 92 13.42 41.90 -16.76
C TYR B 92 12.06 41.74 -16.09
N GLU B 93 11.52 42.87 -15.63
CA GLU B 93 10.19 42.87 -15.06
C GLU B 93 9.18 42.30 -16.05
N ALA B 94 8.34 41.39 -15.57
CA ALA B 94 7.35 40.72 -16.41
C ALA B 94 6.38 39.94 -15.53
N GLU B 95 5.19 39.71 -16.06
CA GLU B 95 4.22 38.86 -15.40
C GLU B 95 4.54 37.38 -15.65
N TYR B 96 4.48 36.58 -14.59
CA TYR B 96 4.82 35.17 -14.64
C TYR B 96 3.62 34.31 -14.26
N ASN B 97 3.35 33.27 -15.06
CA ASN B 97 2.33 32.29 -14.71
C ASN B 97 2.93 31.29 -13.71
N ILE B 98 2.20 31.01 -12.63
CA ILE B 98 2.67 30.17 -11.53
C ILE B 98 1.92 28.84 -11.53
N ALA B 99 2.66 27.73 -11.51
CA ALA B 99 2.10 26.39 -11.36
C ALA B 99 2.65 25.74 -10.10
N LEU B 100 1.80 25.08 -9.33
CA LEU B 100 2.22 24.37 -8.15
C LEU B 100 2.03 22.87 -8.34
N LEU B 101 2.95 22.07 -7.79
CA LEU B 101 2.87 20.63 -7.82
C LEU B 101 2.75 20.14 -6.39
N TYR B 102 1.69 19.37 -6.12
CA TYR B 102 1.43 18.94 -4.75
C TYR B 102 0.53 17.73 -4.75
N THR B 103 0.38 17.14 -3.57
CA THR B 103 -0.50 16.02 -3.37
C THR B 103 -1.03 16.08 -1.93
N GLY B 104 -1.87 15.13 -1.58
CA GLY B 104 -2.38 15.06 -0.22
C GLY B 104 -3.80 14.55 -0.20
N SER B 105 -4.30 14.33 1.02
CA SER B 105 -5.67 13.89 1.18
C SER B 105 -6.63 14.87 0.52
N ASN B 106 -7.61 14.33 -0.20
CA ASN B 106 -8.66 15.18 -0.77
C ASN B 106 -9.44 15.91 0.31
N ASP B 107 -9.62 15.31 1.50
CA ASP B 107 -10.31 15.99 2.60
C ASP B 107 -9.57 17.27 2.99
N ILE B 108 -8.24 17.23 2.97
CA ILE B 108 -7.45 18.43 3.24
C ILE B 108 -7.54 19.40 2.06
N LEU B 109 -7.36 18.90 0.85
CA LEU B 109 -7.32 19.78 -0.31
C LEU B 109 -8.64 20.53 -0.51
N SER B 110 -9.77 19.87 -0.25
CA SER B 110 -11.06 20.49 -0.52
C SER B 110 -11.34 21.69 0.38
N GLU B 111 -10.55 21.92 1.41
CA GLU B 111 -10.69 23.09 2.27
C GLU B 111 -9.44 23.97 2.33
N SER B 112 -8.46 23.74 1.46
CA SER B 112 -7.21 24.52 1.45
C SER B 112 -7.31 25.69 0.50
N THR B 113 -6.76 26.84 0.92
CA THR B 113 -6.63 28.00 0.05
C THR B 113 -5.16 28.41 -0.03
N PHE B 114 -4.67 28.61 -1.24
CA PHE B 114 -3.28 28.99 -1.47
C PHE B 114 -3.13 30.51 -1.53
N GLU B 115 -1.99 31.01 -1.02
CA GLU B 115 -1.57 32.40 -1.20
C GLU B 115 -0.13 32.44 -1.70
N VAL B 116 0.08 32.96 -2.90
CA VAL B 116 1.42 33.19 -3.47
C VAL B 116 1.63 34.69 -3.58
N THR B 117 2.68 35.23 -2.93
CA THR B 117 2.92 36.66 -2.98
C THR B 117 4.36 36.98 -3.35
N SER B 118 4.53 38.12 -4.02
CA SER B 118 5.84 38.74 -4.24
C SER B 118 5.68 40.26 -4.24
N GLY B 119 6.34 40.92 -3.29
CA GLY B 119 6.09 42.33 -3.07
C GLY B 119 4.61 42.55 -2.80
N THR B 120 3.95 43.30 -3.69
CA THR B 120 2.53 43.60 -3.59
C THR B 120 1.67 42.76 -4.53
N SER B 121 2.27 41.95 -5.39
CA SER B 121 1.53 41.03 -6.22
C SER B 121 1.04 39.85 -5.37
N LYS B 122 -0.23 39.48 -5.51
CA LYS B 122 -0.79 38.47 -4.62
C LYS B 122 -1.82 37.63 -5.36
N ILE B 123 -1.72 36.32 -5.20
CA ILE B 123 -2.65 35.37 -5.81
C ILE B 123 -3.29 34.56 -4.71
N ILE B 124 -4.62 34.47 -4.75
CA ILE B 124 -5.41 33.59 -3.89
C ILE B 124 -6.13 32.60 -4.79
N GLU B 125 -6.05 31.32 -4.43
CA GLU B 125 -6.78 30.29 -5.18
C GLU B 125 -6.98 29.08 -4.30
N LYS B 126 -8.17 28.50 -4.37
CA LYS B 126 -8.49 27.24 -3.71
C LYS B 126 -7.70 26.10 -4.37
N ALA B 127 -7.24 25.15 -3.56
CA ALA B 127 -6.65 23.91 -4.05
C ALA B 127 -7.67 23.11 -4.86
N ASN B 128 -7.17 22.26 -5.74
CA ASN B 128 -8.00 21.37 -6.56
C ASN B 128 -8.01 19.97 -5.97
N VAL B 129 -9.20 19.36 -5.89
CA VAL B 129 -9.29 17.97 -5.45
C VAL B 129 -8.89 17.05 -6.60
N LYS B 130 -8.23 15.96 -6.25
CA LYS B 130 -7.88 14.89 -7.20
C LYS B 130 -9.14 14.08 -7.46
N ASN B 131 -9.74 14.25 -8.64
CA ASN B 131 -10.94 13.52 -9.00
C ASN B 131 -10.67 12.47 -10.08
N TRP B 132 -9.50 11.84 -10.02
CA TRP B 132 -9.21 10.63 -10.79
C TRP B 132 -8.57 9.62 -9.83
N ASP B 133 -8.68 8.34 -10.17
CA ASP B 133 -8.26 7.26 -9.29
C ASP B 133 -6.95 6.61 -9.71
N THR B 134 -6.21 7.22 -10.62
CA THR B 134 -4.97 6.63 -11.12
C THR B 134 -3.82 7.58 -10.86
N ARG B 135 -2.63 7.16 -11.26
CA ARG B 135 -1.55 8.09 -11.54
C ARG B 135 -2.06 9.16 -12.50
N PRO B 136 -1.60 10.42 -12.37
CA PRO B 136 -0.59 10.90 -11.42
C PRO B 136 -1.11 11.15 -10.00
N ILE B 137 -0.30 10.84 -8.98
CA ILE B 137 -0.68 11.13 -7.61
C ILE B 137 -0.45 12.60 -7.26
N VAL B 138 0.66 13.19 -7.75
CA VAL B 138 0.91 14.62 -7.59
C VAL B 138 0.22 15.36 -8.74
N GLN B 139 -0.37 16.49 -8.46
CA GLN B 139 -1.03 17.22 -9.53
C GLN B 139 -0.30 18.52 -9.78
N ARG B 140 -0.32 18.96 -11.05
CA ARG B 140 0.14 20.29 -11.43
C ARG B 140 -1.07 21.21 -11.51
N HIS B 141 -0.98 22.34 -10.84
CA HIS B 141 -2.08 23.29 -10.68
C HIS B 141 -1.60 24.63 -11.24
N TYR B 142 -1.97 24.94 -12.48
CA TYR B 142 -1.72 26.26 -13.07
C TYR B 142 -2.64 27.29 -12.42
N LEU B 143 -2.10 28.16 -11.57
CA LEU B 143 -2.89 29.24 -10.97
C LEU B 143 -3.37 30.22 -12.05
N LYS B 144 -4.59 30.74 -11.84
CA LYS B 144 -5.27 31.52 -12.88
C LYS B 144 -4.70 32.93 -13.02
N GLN B 145 -4.40 33.62 -11.91
CA GLN B 145 -3.78 34.95 -11.95
C GLN B 145 -2.27 34.86 -12.08
N ASN B 146 -1.69 35.75 -12.88
CA ASN B 146 -0.24 35.78 -12.98
C ASN B 146 0.36 36.56 -11.80
N LEU B 147 1.65 36.33 -11.56
CA LEU B 147 2.42 36.98 -10.51
C LEU B 147 3.38 38.00 -11.14
N LEU B 148 3.35 39.23 -10.64
CA LEU B 148 4.18 40.31 -11.18
C LEU B 148 5.56 40.25 -10.53
N LEU B 149 6.60 40.04 -11.34
CA LEU B 149 7.96 40.00 -10.86
C LEU B 149 8.75 41.16 -11.46
N LYS B 150 9.50 41.85 -10.62
CA LYS B 150 10.31 42.97 -11.07
C LYS B 150 11.71 42.49 -11.44
N LYS B 151 12.39 43.28 -12.26
CA LYS B 151 13.77 42.99 -12.63
C LYS B 151 14.66 42.91 -11.39
N GLY B 152 15.63 42.01 -11.43
CA GLY B 152 16.47 41.76 -10.27
C GLY B 152 15.92 40.67 -9.36
N ILE B 153 16.17 40.82 -8.07
CA ILE B 153 15.86 39.81 -7.06
C ILE B 153 14.43 40.02 -6.54
N ASN B 154 13.66 38.93 -6.48
CA ASN B 154 12.37 38.93 -5.78
C ASN B 154 12.31 37.79 -4.77
N LYS B 155 11.74 38.08 -3.61
CA LYS B 155 11.23 37.03 -2.76
C LYS B 155 9.83 36.65 -3.23
N ILE B 156 9.55 35.34 -3.22
CA ILE B 156 8.25 34.78 -3.57
C ILE B 156 7.86 33.84 -2.45
N SER B 157 6.70 34.09 -1.83
CA SER B 157 6.23 33.33 -0.69
C SER B 157 4.99 32.53 -1.02
N PHE B 158 4.91 31.30 -0.47
CA PHE B 158 3.74 30.43 -0.59
C PHE B 158 3.35 29.93 0.80
N ARG B 159 2.06 29.95 1.09
CA ARG B 159 1.49 29.42 2.32
C ARG B 159 0.01 29.15 2.07
N LEU B 160 -0.61 28.44 3.02
CA LEU B 160 -2.06 28.25 3.03
C LEU B 160 -2.71 29.29 3.95
N VAL B 161 -3.95 29.68 3.61
CA VAL B 161 -4.64 30.68 4.44
C VAL B 161 -6.01 30.17 4.87
N THR B 162 -6.44 29.02 4.34
CA THR B 162 -7.51 28.22 4.93
C THR B 162 -7.08 26.75 4.90
N PHE B 163 -7.56 25.98 5.86
CA PHE B 163 -7.04 24.64 6.11
C PHE B 163 -8.15 23.62 6.26
N GLY B 164 -7.81 22.36 5.94
CA GLY B 164 -8.70 21.25 6.17
C GLY B 164 -7.99 20.16 6.96
N LYS B 165 -8.75 19.15 7.33
CA LYS B 165 -8.27 18.04 8.14
C LYS B 165 -8.75 16.72 7.53
N GLU B 166 -8.02 15.65 7.80
CA GLU B 166 -8.48 14.36 7.36
C GLU B 166 -9.75 13.96 8.14
N LYS B 167 -10.46 12.98 7.59
CA LYS B 167 -11.70 12.46 8.15
C LYS B 167 -11.61 10.95 8.31
N THR B 168 -12.69 10.36 8.82
CA THR B 168 -12.86 8.91 8.81
C THR B 168 -13.35 8.45 7.44
N LYS B 169 -12.83 7.32 6.97
CA LYS B 169 -13.22 6.68 5.68
C LYS B 169 -14.72 6.71 5.40
N ASN B 178 -11.40 1.05 6.83
CA ASN B 178 -10.58 2.11 7.43
C ASN B 178 -9.37 1.57 8.23
N ALA B 179 -8.49 0.83 7.55
CA ALA B 179 -7.30 0.24 8.18
C ALA B 179 -6.03 0.98 7.77
N ASN B 180 -6.11 2.31 7.80
CA ASN B 180 -4.98 3.17 7.53
C ASN B 180 -4.25 3.49 8.83
N ILE B 181 -2.93 3.49 8.76
CA ILE B 181 -2.09 4.04 9.80
C ILE B 181 -1.51 5.39 9.40
N LYS B 182 -0.93 5.47 8.19
CA LYS B 182 -0.07 6.58 7.74
C LYS B 182 -0.91 7.79 7.33
N PRO B 183 -0.62 8.98 7.86
CA PRO B 183 -1.38 10.16 7.44
C PRO B 183 -1.08 10.51 5.99
N ASN B 184 -1.86 11.43 5.45
CA ASN B 184 -1.70 11.88 4.07
C ASN B 184 -1.80 13.39 4.05
N PRO B 185 -0.83 14.10 4.65
CA PRO B 185 -0.91 15.57 4.74
C PRO B 185 -0.76 16.22 3.38
N PHE B 186 -1.06 17.51 3.33
CA PHE B 186 -0.70 18.31 2.17
C PHE B 186 0.82 18.28 2.00
N ALA B 187 1.27 17.90 0.80
CA ALA B 187 2.70 17.75 0.53
C ALA B 187 3.05 18.53 -0.73
N PHE B 188 3.94 19.51 -0.58
CA PHE B 188 4.30 20.43 -1.66
C PHE B 188 5.59 19.96 -2.31
N TRP B 189 5.59 19.88 -3.64
CA TRP B 189 6.78 19.40 -4.36
C TRP B 189 7.58 20.52 -4.99
N SER B 190 6.95 21.38 -5.80
CA SER B 190 7.70 22.41 -6.50
C SER B 190 6.78 23.48 -7.04
N ILE B 191 7.40 24.62 -7.39
CA ILE B 191 6.75 25.73 -8.06
C ILE B 191 7.36 25.85 -9.45
N GLU B 192 6.56 26.26 -10.42
CA GLU B 192 7.01 26.47 -11.79
C GLU B 192 6.61 27.88 -12.25
N LEU B 193 7.49 28.53 -13.01
CA LEU B 193 7.27 29.90 -13.46
C LEU B 193 7.57 30.02 -14.94
N VAL B 194 6.64 30.60 -15.67
CA VAL B 194 6.80 30.78 -17.11
C VAL B 194 5.98 32.00 -17.52
N ARG B 195 6.58 32.87 -18.32
CA ARG B 195 5.85 34.01 -18.85
C ARG B 195 4.76 33.49 -19.78
N PRO B 196 3.51 33.98 -19.64
CA PRO B 196 2.39 33.38 -20.40
C PRO B 196 2.63 33.32 -21.89
N GLU B 197 3.37 34.28 -22.44
CA GLU B 197 3.67 34.28 -23.87
C GLU B 197 4.77 33.28 -24.23
N ALA B 198 5.73 33.03 -23.34
CA ALA B 198 6.71 31.96 -23.60
C ALA B 198 6.06 30.59 -23.53
N LEU B 199 5.09 30.41 -22.63
CA LEU B 199 4.37 29.15 -22.54
C LEU B 199 3.62 28.86 -23.83
N VAL B 200 3.08 29.90 -24.47
CA VAL B 200 2.39 29.73 -25.75
C VAL B 200 3.36 29.28 -26.84
N ALA B 201 4.52 29.96 -26.94
CA ALA B 201 5.49 29.57 -27.96
C ALA B 201 6.01 28.16 -27.69
N ILE B 202 6.23 27.82 -26.41
CA ILE B 202 6.71 26.49 -26.04
C ILE B 202 5.71 25.43 -26.50
N LYS B 203 4.41 25.67 -26.22
CA LYS B 203 3.40 24.69 -26.61
C LYS B 203 3.29 24.58 -28.13
N GLU B 204 3.43 25.70 -28.85
CA GLU B 204 3.50 25.64 -30.31
C GLU B 204 4.68 24.81 -30.78
N ARG B 205 5.86 24.99 -30.17
CA ARG B 205 7.02 24.18 -30.56
C ARG B 205 6.82 22.72 -30.18
N ALA B 206 6.17 22.48 -29.04
CA ALA B 206 5.89 21.11 -28.64
C ALA B 206 4.98 20.41 -29.64
N LYS B 207 3.94 21.10 -30.12
CA LYS B 207 3.06 20.47 -31.12
C LYS B 207 3.79 20.23 -32.43
N GLU B 208 4.75 21.10 -32.79
CA GLU B 208 5.44 20.96 -34.06
C GLU B 208 6.23 19.66 -34.14
N ILE B 209 6.92 19.28 -33.05
CA ILE B 209 7.80 18.12 -33.06
C ILE B 209 7.16 16.89 -32.43
N LYS B 210 5.92 17.00 -31.95
CA LYS B 210 5.23 15.85 -31.33
C LYS B 210 5.28 14.62 -32.24
N ALA B 211 5.63 13.48 -31.64
CA ALA B 211 5.74 12.23 -32.38
C ALA B 211 4.36 11.67 -32.73
N ASP B 212 4.27 11.01 -33.88
CA ASP B 212 3.05 10.25 -34.20
C ASP B 212 3.25 8.84 -33.71
N LEU B 213 2.31 8.35 -32.92
CA LEU B 213 2.49 7.07 -32.23
C LEU B 213 1.52 6.01 -32.74
N GLN B 214 0.94 6.22 -33.92
CA GLN B 214 -0.03 5.25 -34.44
C GLN B 214 0.59 3.88 -34.63
N TRP B 215 1.90 3.84 -34.92
CA TRP B 215 2.53 2.54 -35.13
C TRP B 215 2.58 1.72 -33.85
N MET B 216 2.69 2.38 -32.68
CA MET B 216 2.68 1.65 -31.43
C MET B 216 1.28 1.13 -31.10
N VAL B 217 0.25 1.95 -31.36
CA VAL B 217 -1.13 1.53 -31.15
C VAL B 217 -1.49 0.39 -32.11
N ASP B 218 -1.25 0.58 -33.41
CA ASP B 218 -1.49 -0.49 -34.38
C ASP B 218 -0.71 -1.76 -34.02
N GLY B 219 0.51 -1.62 -33.50
CA GLY B 219 1.27 -2.78 -33.07
C GLY B 219 0.76 -3.42 -31.80
N LYS B 220 -0.14 -2.75 -31.07
CA LYS B 220 -0.79 -3.26 -29.87
C LYS B 220 0.17 -3.38 -28.70
N TYR B 221 1.23 -4.17 -28.83
CA TYR B 221 2.13 -4.32 -27.70
C TYR B 221 3.53 -4.72 -28.15
N GLY B 222 4.47 -4.56 -27.22
CA GLY B 222 5.88 -4.82 -27.44
C GLY B 222 6.50 -5.43 -26.20
N LEU B 223 7.82 -5.59 -26.20
CA LEU B 223 8.50 -6.40 -25.19
C LEU B 223 9.55 -5.57 -24.46
N PHE B 224 9.44 -5.50 -23.14
CA PHE B 224 10.47 -4.91 -22.32
C PHE B 224 11.50 -5.98 -22.02
N VAL B 225 12.77 -5.64 -22.20
CA VAL B 225 13.85 -6.59 -21.99
C VAL B 225 14.86 -5.95 -21.07
N HIS B 226 15.03 -6.53 -19.89
CA HIS B 226 15.91 -6.00 -18.88
C HIS B 226 17.23 -6.77 -18.95
N PHE B 227 18.20 -6.13 -19.61
CA PHE B 227 19.60 -6.52 -19.62
C PHE B 227 20.20 -5.87 -18.36
N SER B 228 19.94 -6.49 -17.22
CA SER B 228 20.07 -5.81 -15.94
C SER B 228 21.42 -6.12 -15.30
N SER B 229 22.17 -5.06 -14.97
CA SER B 229 23.52 -5.22 -14.44
C SER B 229 23.55 -6.09 -13.18
N SER B 230 22.43 -6.28 -12.50
CA SER B 230 22.40 -7.07 -11.28
C SER B 230 22.08 -8.54 -11.50
N SER B 231 21.64 -8.92 -12.71
CA SER B 231 21.21 -10.29 -12.96
C SER B 231 22.38 -11.26 -13.01
N VAL B 232 22.15 -12.47 -12.48
CA VAL B 232 23.13 -13.56 -12.53
C VAL B 232 22.75 -14.48 -13.69
N PRO B 233 23.72 -14.91 -14.50
CA PRO B 233 23.38 -15.66 -15.72
C PRO B 233 22.93 -17.08 -15.44
N PHE B 234 22.29 -17.68 -16.45
CA PHE B 234 21.76 -19.03 -16.33
C PHE B 234 22.85 -20.07 -16.14
N GLU B 235 24.04 -19.81 -16.69
CA GLU B 235 25.21 -20.65 -16.46
C GLU B 235 25.86 -20.39 -15.10
N GLY B 236 25.16 -19.69 -14.20
CA GLY B 236 25.73 -19.27 -12.93
C GLY B 236 26.84 -18.25 -13.13
N GLY B 237 27.46 -17.81 -12.04
CA GLY B 237 28.63 -16.97 -12.14
C GLY B 237 28.42 -15.53 -11.69
N LEU B 238 29.14 -14.61 -12.33
CA LEU B 238 29.18 -13.20 -11.97
C LEU B 238 28.00 -12.42 -12.53
N LYS B 239 27.58 -11.40 -11.78
CA LYS B 239 26.56 -10.45 -12.26
C LYS B 239 27.00 -9.86 -13.60
N LEU B 240 26.03 -9.67 -14.51
CA LEU B 240 26.39 -9.14 -15.82
C LEU B 240 27.03 -7.76 -15.73
N GLY B 241 26.82 -7.04 -14.63
CA GLY B 241 27.59 -5.83 -14.37
C GLY B 241 29.07 -6.09 -14.14
N ASP B 242 29.44 -7.33 -13.84
CA ASP B 242 30.83 -7.70 -13.56
C ASP B 242 31.53 -8.39 -14.72
N GLN B 243 30.81 -8.75 -15.78
CA GLN B 243 31.42 -9.28 -16.99
C GLN B 243 30.61 -8.82 -18.20
N TYR B 244 30.38 -7.51 -18.27
CA TYR B 244 29.42 -6.95 -19.23
C TYR B 244 29.91 -7.18 -20.65
N GLN B 245 31.16 -6.83 -20.94
CA GLN B 245 31.69 -7.03 -22.29
C GLN B 245 31.66 -8.49 -22.68
N LYS B 246 32.00 -9.39 -21.75
CA LYS B 246 31.98 -10.82 -22.06
C LYS B 246 30.59 -11.29 -22.47
N LEU B 247 29.54 -10.81 -21.79
CA LEU B 247 28.19 -11.25 -22.14
C LEU B 247 27.60 -10.47 -23.30
N VAL B 248 28.05 -9.24 -23.54
CA VAL B 248 27.68 -8.55 -24.77
C VAL B 248 28.30 -9.24 -25.97
N LYS B 249 29.59 -9.61 -25.85
CA LYS B 249 30.23 -10.33 -26.95
C LYS B 249 29.64 -11.71 -27.18
N ASP B 250 28.91 -12.27 -26.20
CA ASP B 250 28.31 -13.59 -26.31
C ASP B 250 26.79 -13.55 -26.51
N PHE B 251 26.25 -12.48 -27.06
CA PHE B 251 24.81 -12.30 -27.15
C PHE B 251 24.32 -12.86 -28.49
N ASP B 252 23.48 -13.89 -28.43
CA ASP B 252 23.02 -14.56 -29.63
C ASP B 252 21.77 -13.85 -30.14
N VAL B 253 21.96 -12.97 -31.12
CA VAL B 253 20.86 -12.18 -31.65
C VAL B 253 19.81 -13.08 -32.30
N ASP B 254 20.25 -14.15 -32.98
CA ASP B 254 19.31 -15.08 -33.61
C ASP B 254 18.43 -15.78 -32.57
N VAL B 255 19.06 -16.30 -31.51
CA VAL B 255 18.30 -16.84 -30.38
C VAL B 255 17.29 -15.81 -29.88
N PHE B 256 17.78 -14.60 -29.60
CA PHE B 256 16.91 -13.56 -29.05
C PHE B 256 15.73 -13.31 -29.96
N VAL B 257 15.97 -13.20 -31.27
CA VAL B 257 14.95 -12.71 -32.19
C VAL B 257 13.84 -13.74 -32.39
N GLU B 258 14.19 -15.03 -32.40
CA GLU B 258 13.15 -16.06 -32.56
C GLU B 258 12.16 -16.01 -31.41
N LYS B 259 12.65 -15.86 -30.18
CA LYS B 259 11.76 -15.76 -29.03
C LYS B 259 10.87 -14.52 -29.11
N VAL B 260 11.38 -13.41 -29.65
CA VAL B 260 10.55 -12.22 -29.80
C VAL B 260 9.41 -12.46 -30.78
N LEU B 261 9.64 -13.30 -31.79
CA LEU B 261 8.56 -13.62 -32.73
C LEU B 261 7.53 -14.55 -32.11
N GLU B 262 7.98 -15.46 -31.24
CA GLU B 262 7.04 -16.26 -30.45
C GLU B 262 6.08 -15.35 -29.69
N ILE B 263 6.63 -14.31 -29.05
CA ILE B 263 5.86 -13.47 -28.13
C ILE B 263 4.83 -12.62 -28.87
N GLY B 264 5.13 -12.23 -30.11
CA GLY B 264 4.25 -11.37 -30.87
C GLY B 264 4.56 -9.89 -30.79
N ALA B 265 5.71 -9.52 -30.24
CA ALA B 265 6.04 -8.12 -30.02
C ALA B 265 6.20 -7.34 -31.32
N SER B 266 5.60 -6.15 -31.38
CA SER B 266 5.83 -5.19 -32.45
C SER B 266 7.02 -4.26 -32.16
N TRP B 267 7.64 -4.37 -30.98
CA TRP B 267 8.82 -3.56 -30.63
C TRP B 267 9.47 -4.16 -29.39
N VAL B 268 10.72 -3.78 -29.18
CA VAL B 268 11.50 -4.19 -28.02
C VAL B 268 12.07 -2.94 -27.38
N THR B 269 11.85 -2.79 -26.08
CA THR B 269 12.50 -1.72 -25.33
C THR B 269 13.63 -2.35 -24.55
N PHE B 270 14.85 -2.01 -24.93
CA PHE B 270 16.03 -2.75 -24.49
C PHE B 270 16.80 -1.91 -23.49
N THR B 271 17.10 -2.52 -22.36
CA THR B 271 17.66 -1.83 -21.21
C THR B 271 19.15 -1.52 -21.40
N CYS B 272 19.50 -0.23 -21.43
CA CYS B 272 20.87 0.23 -21.33
C CYS B 272 21.10 0.82 -19.94
N ALA B 273 22.19 0.40 -19.30
CA ALA B 273 22.61 0.97 -18.01
C ALA B 273 21.51 0.82 -16.94
N HIS B 274 21.23 -0.43 -16.57
CA HIS B 274 20.29 -0.73 -15.49
C HIS B 274 21.09 -1.16 -14.27
N GLY B 275 21.47 -0.20 -13.44
CA GLY B 275 22.26 -0.53 -12.27
C GLY B 275 23.67 0.03 -12.30
N THR B 276 24.33 -0.12 -13.45
CA THR B 276 25.61 0.52 -13.75
C THR B 276 25.43 1.32 -15.04
N GLN B 277 26.49 2.02 -15.45
CA GLN B 277 26.44 2.86 -16.64
C GLN B 277 26.98 2.15 -17.88
N HIS B 278 27.04 0.82 -17.85
CA HIS B 278 27.49 0.08 -19.02
C HIS B 278 26.54 0.29 -20.18
N TRP B 279 27.10 0.36 -21.38
CA TRP B 279 26.39 0.68 -22.60
C TRP B 279 26.75 -0.34 -23.67
N PRO B 280 25.77 -0.98 -24.29
CA PRO B 280 26.04 -2.16 -25.14
C PRO B 280 26.39 -1.78 -26.58
N GLY B 281 27.50 -1.04 -26.74
CA GLY B 281 27.91 -0.55 -28.03
C GLY B 281 28.89 0.60 -27.92
N PRO B 282 29.27 1.19 -29.04
CA PRO B 282 30.25 2.28 -29.00
C PRO B 282 29.61 3.58 -28.53
N SER B 283 30.39 4.37 -27.81
CA SER B 283 29.92 5.68 -27.38
C SER B 283 31.14 6.56 -27.12
N LYS B 284 31.42 7.48 -28.04
CA LYS B 284 32.51 8.43 -27.78
C LYS B 284 32.21 9.29 -26.56
N THR B 285 30.94 9.67 -26.36
CA THR B 285 30.59 10.55 -25.25
C THR B 285 30.83 9.86 -23.91
N ILE B 286 30.35 8.62 -23.77
CA ILE B 286 30.61 7.88 -22.55
C ILE B 286 32.11 7.70 -22.35
N ASP B 287 32.81 7.27 -23.39
CA ASP B 287 34.25 7.02 -23.32
C ASP B 287 35.02 8.22 -22.76
N SER B 288 34.64 9.43 -23.18
CA SER B 288 35.36 10.63 -22.79
C SER B 288 35.12 11.03 -21.33
N ILE B 289 34.19 10.38 -20.64
CA ILE B 289 34.07 10.56 -19.19
C ILE B 289 34.97 9.57 -18.45
N LYS B 290 34.86 8.29 -18.78
CA LYS B 290 35.63 7.24 -18.13
C LYS B 290 35.59 6.01 -19.03
N SER B 291 36.73 5.35 -19.17
CA SER B 291 36.75 4.17 -20.04
C SER B 291 36.25 2.95 -19.27
N GLY B 292 35.82 1.93 -20.01
CA GLY B 292 35.39 0.69 -19.42
C GLY B 292 33.89 0.45 -19.40
N PHE B 293 33.07 1.40 -19.81
CA PHE B 293 31.63 1.20 -19.83
C PHE B 293 31.09 0.86 -21.20
N THR B 294 31.87 1.05 -22.26
CA THR B 294 31.40 0.80 -23.61
C THR B 294 31.84 -0.58 -24.09
N CYS B 295 31.33 -0.96 -25.25
CA CYS B 295 31.61 -2.25 -25.87
C CYS B 295 32.10 -2.04 -27.30
N GLU B 296 33.05 -2.87 -27.72
CA GLU B 296 33.50 -2.83 -29.11
C GLU B 296 32.41 -3.39 -30.03
N ARG B 297 31.75 -4.48 -29.63
CA ARG B 297 30.60 -4.98 -30.38
C ARG B 297 29.44 -3.99 -30.32
N ASP B 298 28.94 -3.59 -31.50
CA ASP B 298 27.80 -2.69 -31.61
C ASP B 298 26.53 -3.55 -31.53
N LEU B 299 26.19 -3.95 -30.30
CA LEU B 299 25.05 -4.83 -30.09
C LEU B 299 23.73 -4.14 -30.37
N ILE B 300 23.64 -2.83 -30.15
CA ILE B 300 22.43 -2.10 -30.56
C ILE B 300 22.21 -2.25 -32.06
N ARG B 301 23.27 -2.02 -32.83
CA ARG B 301 23.21 -2.18 -34.28
C ARG B 301 22.73 -3.57 -34.70
N GLU B 302 23.31 -4.62 -34.10
CA GLU B 302 22.91 -5.97 -34.49
C GLU B 302 21.48 -6.25 -34.07
N LEU B 303 21.07 -5.75 -32.90
CA LEU B 303 19.66 -5.85 -32.52
C LEU B 303 18.77 -5.16 -33.53
N ILE B 304 19.14 -3.96 -33.98
CA ILE B 304 18.31 -3.22 -34.94
C ILE B 304 18.13 -4.02 -36.22
N ASP B 305 19.23 -4.60 -36.74
CA ASP B 305 19.15 -5.37 -37.97
C ASP B 305 18.38 -6.67 -37.74
N GLY B 306 18.68 -7.38 -36.65
CA GLY B 306 17.98 -8.61 -36.36
C GLY B 306 16.46 -8.45 -36.30
N LEU B 307 15.98 -7.49 -35.50
CA LEU B 307 14.53 -7.30 -35.39
C LEU B 307 13.95 -6.60 -36.62
N GLY B 308 14.76 -5.77 -37.29
CA GLY B 308 14.29 -5.10 -38.50
C GLY B 308 14.03 -6.04 -39.66
N LYS B 309 14.59 -7.25 -39.61
CA LYS B 309 14.21 -8.27 -40.57
C LYS B 309 12.72 -8.55 -40.51
N HIS B 310 12.13 -8.48 -39.31
CA HIS B 310 10.73 -8.84 -39.11
C HIS B 310 9.83 -7.63 -38.86
N ASN B 311 10.33 -6.43 -39.14
CA ASN B 311 9.58 -5.20 -38.93
C ASN B 311 9.29 -4.95 -37.43
N ILE B 312 10.19 -5.39 -36.57
CA ILE B 312 10.13 -5.15 -35.12
C ILE B 312 11.06 -3.99 -34.79
N ARG B 313 10.52 -2.95 -34.14
CA ARG B 313 11.31 -1.76 -33.86
C ARG B 313 12.13 -1.94 -32.57
N LEU B 314 13.15 -1.09 -32.40
CA LEU B 314 13.97 -1.06 -31.19
C LEU B 314 13.89 0.31 -30.54
N MET B 315 13.67 0.30 -29.22
CA MET B 315 13.72 1.49 -28.38
C MET B 315 14.61 1.20 -27.18
N LEU B 316 15.30 2.20 -26.70
CA LEU B 316 16.23 1.97 -25.60
C LEU B 316 15.64 2.48 -24.29
N TYR B 317 15.83 1.70 -23.24
CA TYR B 317 15.79 2.20 -21.87
C TYR B 317 17.15 2.80 -21.53
N TYR B 318 17.14 3.87 -20.72
CA TYR B 318 18.40 4.41 -20.19
C TYR B 318 18.17 5.01 -18.81
N ASN B 319 19.07 4.73 -17.88
CA ASN B 319 18.99 5.26 -16.52
C ASN B 319 20.06 6.32 -16.34
N PRO B 320 19.70 7.59 -16.22
CA PRO B 320 20.69 8.65 -16.01
C PRO B 320 21.18 8.81 -14.57
N ASN B 321 20.85 7.90 -13.64
CA ASN B 321 21.33 8.00 -12.26
C ASN B 321 22.01 6.74 -11.76
N SER B 322 21.54 5.55 -12.13
CA SER B 322 22.06 4.31 -11.55
C SER B 322 23.51 4.08 -11.98
N GLY B 323 24.40 3.94 -11.00
CA GLY B 323 25.81 3.83 -11.27
C GLY B 323 26.46 5.10 -11.76
N MET B 324 25.74 6.24 -11.79
CA MET B 324 26.28 7.47 -12.36
C MET B 324 27.47 7.99 -11.58
N GLU B 325 27.54 7.70 -10.27
CA GLU B 325 28.64 8.19 -9.46
C GLU B 325 29.98 7.59 -9.89
N ASP B 326 29.97 6.38 -10.46
CA ASP B 326 31.17 5.74 -10.98
C ASP B 326 31.52 6.17 -12.41
N LEU B 327 30.74 7.08 -13.01
CA LEU B 327 31.02 7.54 -14.36
C LEU B 327 31.32 9.03 -14.30
N TYR B 328 30.27 9.84 -14.22
CA TYR B 328 30.46 11.29 -14.16
C TYR B 328 30.78 11.80 -12.76
N GLY B 329 30.43 11.06 -11.72
CA GLY B 329 30.47 11.60 -10.37
C GLY B 329 29.13 12.20 -9.98
N ASN B 330 29.16 13.10 -8.98
CA ASN B 330 27.93 13.78 -8.56
C ASN B 330 27.35 14.61 -9.70
N THR B 331 26.01 14.57 -9.82
CA THR B 331 25.34 15.37 -10.85
C THR B 331 25.65 16.86 -10.74
N TYR B 332 25.87 17.36 -9.51
CA TYR B 332 26.18 18.77 -9.30
C TYR B 332 27.70 19.06 -9.25
N GLY B 333 28.52 18.10 -9.66
CA GLY B 333 29.96 18.28 -9.67
C GLY B 333 30.57 17.98 -8.32
N ASN B 334 31.73 18.60 -8.08
CA ASN B 334 32.39 18.45 -6.79
C ASN B 334 33.27 19.65 -6.49
N GLY B 335 32.94 20.80 -7.08
CA GLY B 335 33.45 22.06 -6.64
C GLY B 335 32.76 22.46 -5.36
N ASP B 336 32.88 23.74 -5.02
CA ASP B 336 32.32 24.22 -3.77
C ASP B 336 30.88 24.66 -3.93
N GLN B 337 30.46 25.03 -5.12
CA GLN B 337 29.07 25.37 -5.40
C GLN B 337 28.48 24.39 -6.42
N PRO B 338 27.19 24.07 -6.29
CA PRO B 338 26.58 23.12 -7.22
C PRO B 338 26.56 23.70 -8.62
N ASP B 339 27.07 22.94 -9.58
CA ASP B 339 26.97 23.32 -10.98
C ASP B 339 26.51 22.11 -11.77
N PRO B 340 25.28 22.07 -12.25
CA PRO B 340 24.77 20.89 -12.97
C PRO B 340 25.13 20.85 -14.44
N SER B 341 25.82 21.87 -14.95
CA SER B 341 25.94 22.04 -16.41
C SER B 341 26.74 20.90 -17.04
N GLY B 342 27.83 20.46 -16.40
CA GLY B 342 28.57 19.35 -16.96
C GLY B 342 27.72 18.09 -17.11
N TYR B 343 26.87 17.82 -16.12
CA TYR B 343 26.01 16.65 -16.21
C TYR B 343 24.98 16.80 -17.32
N PHE B 344 24.37 17.99 -17.43
CA PHE B 344 23.40 18.23 -18.51
C PHE B 344 24.06 18.05 -19.88
N ASN B 345 25.28 18.58 -20.06
CA ASN B 345 25.97 18.48 -21.34
C ASN B 345 26.25 17.04 -21.68
N PHE B 346 26.63 16.24 -20.67
CA PHE B 346 26.84 14.81 -20.93
C PHE B 346 25.56 14.16 -21.47
N LEU B 347 24.43 14.39 -20.79
CA LEU B 347 23.19 13.75 -21.17
C LEU B 347 22.78 14.18 -22.58
N GLU B 348 22.81 15.50 -22.83
CA GLU B 348 22.46 16.03 -24.14
C GLU B 348 23.34 15.42 -25.23
N ALA B 349 24.66 15.46 -25.05
CA ALA B 349 25.57 14.92 -26.07
C ALA B 349 25.38 13.42 -26.23
N HIS B 350 25.11 12.71 -25.13
CA HIS B 350 24.92 11.27 -25.20
C HIS B 350 23.69 10.91 -26.03
N PHE B 351 22.54 11.50 -25.71
CA PHE B 351 21.33 11.26 -26.49
C PHE B 351 21.57 11.61 -27.97
N ARG B 352 22.28 12.70 -28.25
CA ARG B 352 22.47 13.16 -29.63
C ARG B 352 23.39 12.24 -30.41
N GLU B 353 24.51 11.80 -29.80
CA GLU B 353 25.38 10.86 -30.47
C GLU B 353 24.64 9.57 -30.86
N VAL B 354 23.93 8.94 -29.92
CA VAL B 354 23.19 7.72 -30.22
C VAL B 354 22.17 7.97 -31.31
N SER B 355 21.47 9.11 -31.23
CA SER B 355 20.37 9.37 -32.13
C SER B 355 20.85 9.63 -33.56
N LEU B 356 22.00 10.29 -33.74
CA LEU B 356 22.58 10.46 -35.06
C LEU B 356 23.43 9.28 -35.50
N ARG B 357 23.91 8.46 -34.55
CA ARG B 357 24.66 7.27 -34.91
C ARG B 357 23.77 6.26 -35.64
N TYR B 358 22.51 6.11 -35.21
CA TYR B 358 21.64 5.09 -35.74
C TYR B 358 20.55 5.62 -36.65
N GLY B 359 20.30 6.93 -36.65
CA GLY B 359 19.34 7.53 -37.58
C GLY B 359 17.95 6.93 -37.44
N LYS B 360 17.29 6.74 -38.58
CA LYS B 360 15.92 6.24 -38.54
C LYS B 360 15.88 4.76 -38.17
N ASP B 361 17.02 4.08 -38.10
CA ASP B 361 17.03 2.65 -37.81
C ASP B 361 16.65 2.37 -36.35
N LEU B 362 16.96 3.27 -35.43
CA LEU B 362 16.61 3.09 -34.02
C LEU B 362 15.36 3.92 -33.75
N ALA B 363 14.29 3.26 -33.29
CA ALA B 363 13.03 3.98 -33.11
C ALA B 363 13.18 5.08 -32.06
N SER B 364 13.95 4.83 -31.00
CA SER B 364 14.26 5.90 -30.05
C SER B 364 15.38 5.47 -29.11
N THR B 365 16.28 6.42 -28.80
CA THR B 365 17.22 6.27 -27.69
C THR B 365 16.62 6.61 -26.34
N ALA B 366 15.39 7.13 -26.28
CA ALA B 366 14.78 7.47 -25.00
C ALA B 366 13.35 6.92 -24.92
N GLY B 367 13.21 5.63 -25.19
CA GLY B 367 11.92 5.00 -25.00
C GLY B 367 11.49 5.01 -23.54
N TYR B 368 12.45 4.93 -22.62
CA TYR B 368 12.13 4.88 -21.19
C TYR B 368 13.35 5.39 -20.44
N ILE B 369 13.32 6.66 -20.05
CA ILE B 369 14.38 7.29 -19.26
C ILE B 369 13.95 7.23 -17.81
N ASP B 370 14.63 6.40 -17.02
CA ASP B 370 14.13 6.09 -15.69
C ASP B 370 14.14 7.30 -14.76
N ASP B 371 13.12 7.36 -13.88
CA ASP B 371 13.05 8.28 -12.75
C ASP B 371 13.23 9.76 -13.17
N GLY B 372 12.67 10.11 -14.32
CA GLY B 372 12.59 11.52 -14.69
C GLY B 372 11.81 12.37 -13.70
N GLY B 373 10.82 11.77 -13.03
CA GLY B 373 10.09 12.49 -12.00
C GLY B 373 10.79 12.52 -10.64
N TRP B 374 11.20 11.34 -10.15
CA TRP B 374 11.80 11.26 -8.83
C TRP B 374 13.18 11.91 -8.76
N LYS B 375 13.95 11.89 -9.85
CA LYS B 375 15.34 12.36 -9.80
C LYS B 375 15.62 13.48 -10.80
N VAL B 376 15.38 13.27 -12.10
CA VAL B 376 15.84 14.26 -13.08
C VAL B 376 15.19 15.62 -12.84
N TYR B 377 13.87 15.63 -12.55
CA TYR B 377 13.13 16.86 -12.34
C TYR B 377 13.76 17.73 -11.25
N GLN B 378 14.39 17.13 -10.24
CA GLN B 378 14.87 17.92 -9.11
C GLN B 378 16.09 18.77 -9.47
N LEU B 379 16.65 18.60 -10.66
CA LEU B 379 17.77 19.42 -11.09
C LEU B 379 17.35 20.59 -11.95
N ASP B 380 16.05 20.79 -12.22
CA ASP B 380 15.58 21.81 -13.13
C ASP B 380 16.26 21.67 -14.51
N PRO B 381 16.20 20.49 -15.12
CA PRO B 381 17.03 20.21 -16.31
C PRO B 381 16.48 20.93 -17.54
N PRO B 382 17.29 21.06 -18.60
CA PRO B 382 16.76 21.63 -19.87
C PRO B 382 16.05 20.57 -20.70
N TRP B 383 14.79 20.28 -20.34
CA TRP B 383 14.03 19.23 -21.02
C TRP B 383 14.04 19.41 -22.52
N GLU B 384 13.90 20.65 -22.99
CA GLU B 384 13.82 20.85 -24.44
C GLU B 384 15.11 20.42 -25.15
N LYS B 385 16.28 20.71 -24.56
CA LYS B 385 17.52 20.26 -25.19
C LYS B 385 17.61 18.74 -25.24
N PHE B 386 17.25 18.07 -24.14
CA PHE B 386 17.30 16.62 -24.15
C PHE B 386 16.46 16.06 -25.30
N VAL B 387 15.29 16.66 -25.53
CA VAL B 387 14.40 16.12 -26.57
C VAL B 387 14.91 16.45 -27.97
N LYS B 388 15.35 17.70 -28.21
CA LYS B 388 15.96 17.96 -29.52
C LYS B 388 17.16 17.05 -29.75
N ALA B 389 17.88 16.67 -28.70
CA ALA B 389 18.96 15.71 -28.88
C ALA B 389 18.43 14.32 -29.19
N ILE B 390 17.37 13.90 -28.49
CA ILE B 390 16.82 12.57 -28.75
C ILE B 390 16.35 12.46 -30.20
N LYS B 391 15.87 13.56 -30.79
CA LYS B 391 15.28 13.55 -32.11
C LYS B 391 16.24 14.05 -33.19
N ALA B 392 17.53 14.22 -32.87
CA ALA B 392 18.46 14.83 -33.84
C ALA B 392 18.58 13.97 -35.11
N GLY B 393 18.80 12.66 -34.94
CA GLY B 393 18.91 11.76 -36.07
C GLY B 393 17.64 11.02 -36.46
N ASN B 394 16.53 11.27 -35.77
CA ASN B 394 15.26 10.59 -35.99
C ASN B 394 14.12 11.51 -35.54
N PRO B 395 13.55 12.31 -36.45
CA PRO B 395 12.48 13.23 -36.06
C PRO B 395 11.24 12.53 -35.51
N ASN B 396 11.13 11.22 -35.66
CA ASN B 396 9.94 10.49 -35.22
C ASN B 396 10.17 9.69 -33.95
N ALA B 397 11.28 9.92 -33.26
CA ALA B 397 11.61 9.10 -32.09
C ALA B 397 10.72 9.48 -30.92
N PRO B 398 9.91 8.57 -30.40
CA PRO B 398 9.12 8.88 -29.19
C PRO B 398 10.01 9.04 -27.98
N VAL B 399 9.78 10.11 -27.22
CA VAL B 399 10.51 10.33 -25.97
C VAL B 399 9.61 9.92 -24.82
N GLY B 400 10.09 8.98 -24.01
CA GLY B 400 9.36 8.46 -22.89
C GLY B 400 10.13 8.65 -21.59
N PHE B 401 10.02 9.84 -21.02
CA PHE B 401 10.61 10.05 -19.70
C PHE B 401 9.74 9.37 -18.67
N SER B 402 10.33 8.54 -17.82
CA SER B 402 9.53 7.99 -16.73
C SER B 402 9.15 9.13 -15.79
N GLN B 403 7.85 9.41 -15.70
CA GLN B 403 7.33 10.46 -14.85
C GLN B 403 6.88 9.95 -13.50
N ASN B 404 7.08 8.66 -13.23
CA ASN B 404 6.77 8.03 -11.95
C ASN B 404 5.32 8.37 -11.62
N LEU B 405 5.03 8.88 -10.43
CA LEU B 405 3.67 9.27 -10.07
C LEU B 405 3.43 10.78 -10.24
N PHE B 406 4.25 11.45 -11.03
CA PHE B 406 4.11 12.88 -11.23
C PHE B 406 3.33 13.16 -12.49
N PRO B 407 2.81 14.38 -12.66
CA PRO B 407 2.16 14.72 -13.94
C PRO B 407 3.19 14.87 -15.05
N ASN B 408 2.75 15.33 -16.22
CA ASN B 408 3.62 15.44 -17.38
C ASN B 408 4.85 16.28 -17.05
N LEU B 409 6.04 15.68 -17.20
CA LEU B 409 7.28 16.37 -16.80
C LEU B 409 7.57 17.58 -17.68
N THR B 410 7.29 17.47 -18.97
CA THR B 410 7.58 18.55 -19.90
C THR B 410 6.62 18.43 -21.08
N PRO B 411 6.19 19.55 -21.68
CA PRO B 411 5.31 19.48 -22.86
C PRO B 411 5.94 18.75 -24.03
N PHE B 412 7.26 18.59 -24.05
CA PHE B 412 7.95 17.92 -25.15
C PHE B 412 7.99 16.42 -24.98
N SER B 413 7.34 15.86 -23.96
CA SER B 413 7.24 14.41 -23.87
C SER B 413 6.18 13.88 -24.84
N ASP B 414 6.27 12.57 -25.12
CA ASP B 414 5.32 11.91 -26.01
C ASP B 414 4.48 10.86 -25.28
N LEU B 415 5.12 9.90 -24.60
CA LEU B 415 4.41 8.79 -23.99
C LEU B 415 4.23 9.01 -22.48
N VAL B 416 3.15 8.44 -21.96
CA VAL B 416 3.04 8.26 -20.52
C VAL B 416 3.95 7.13 -20.11
N VAL B 417 4.76 7.35 -19.08
CA VAL B 417 5.76 6.36 -18.68
C VAL B 417 5.86 6.35 -17.16
N SER B 418 5.68 5.16 -16.57
CA SER B 418 5.97 4.91 -15.18
C SER B 418 5.99 3.40 -14.96
N ASP B 419 6.56 2.98 -13.83
CA ASP B 419 6.74 1.57 -13.48
C ASP B 419 5.40 1.03 -12.95
N GLY B 420 4.69 0.26 -13.78
CA GLY B 420 3.42 -0.35 -13.39
C GLY B 420 3.54 -1.65 -12.64
N SER B 421 4.75 -2.03 -12.25
CA SER B 421 5.06 -3.21 -11.42
C SER B 421 4.48 -4.45 -12.12
N GLY B 422 3.87 -5.38 -11.40
CA GLY B 422 3.18 -6.51 -12.02
C GLY B 422 1.67 -6.47 -11.86
N ARG B 423 1.12 -5.27 -11.66
CA ARG B 423 -0.30 -5.06 -11.45
C ARG B 423 -1.06 -5.00 -12.77
N VAL B 424 -2.34 -5.30 -12.71
CA VAL B 424 -3.22 -5.01 -13.84
C VAL B 424 -3.05 -3.54 -14.18
N PRO B 425 -2.85 -3.18 -15.45
CA PRO B 425 -2.62 -1.77 -15.79
C PRO B 425 -3.85 -0.92 -15.51
N GLU B 426 -3.61 0.29 -14.99
CA GLU B 426 -4.72 1.20 -14.77
C GLU B 426 -4.98 1.97 -16.04
N ILE B 427 -6.27 2.12 -16.35
CA ILE B 427 -6.74 2.86 -17.52
C ILE B 427 -6.99 4.28 -17.04
N GLN B 428 -6.18 5.23 -17.52
CA GLN B 428 -6.30 6.60 -17.05
C GLN B 428 -7.44 7.30 -17.78
N PRO B 429 -8.26 8.09 -17.07
CA PRO B 429 -9.41 8.75 -17.72
C PRO B 429 -8.96 9.79 -18.75
N ALA B 430 -9.72 9.86 -19.85
CA ALA B 430 -9.35 10.68 -20.99
C ALA B 430 -9.33 12.16 -20.69
N PHE B 431 -10.01 12.63 -19.64
CA PHE B 431 -9.94 14.06 -19.35
C PHE B 431 -8.57 14.49 -18.82
N LEU B 432 -7.71 13.56 -18.43
CA LEU B 432 -6.35 13.91 -18.08
C LEU B 432 -5.60 14.48 -19.27
N PHE B 433 -5.99 14.11 -20.49
CA PHE B 433 -5.23 14.46 -21.69
C PHE B 433 -5.81 15.61 -22.47
N GLU B 434 -6.77 16.33 -21.90
CA GLU B 434 -7.40 17.46 -22.54
C GLU B 434 -6.66 18.75 -22.16
N LYS B 435 -7.03 19.86 -22.80
CA LYS B 435 -6.32 21.11 -22.58
C LYS B 435 -6.32 21.46 -21.09
N GLY B 436 -5.15 21.84 -20.58
CA GLY B 436 -5.00 22.14 -19.18
C GLY B 436 -5.02 20.95 -18.24
N GLY B 437 -5.32 19.74 -18.75
CA GLY B 437 -5.30 18.56 -17.93
C GLY B 437 -3.90 18.17 -17.47
N GLN B 438 -3.84 17.16 -16.60
CA GLN B 438 -2.59 16.75 -15.99
C GLN B 438 -1.62 16.13 -16.99
N LEU B 439 -2.12 15.43 -18.01
CA LEU B 439 -1.29 14.58 -18.87
C LEU B 439 -1.29 15.04 -20.31
N GLU B 440 -1.71 16.28 -20.56
CA GLU B 440 -1.63 16.86 -21.89
C GLU B 440 -0.17 17.19 -22.24
N GLY B 441 0.26 16.92 -23.45
CA GLY B 441 -0.35 16.03 -24.41
C GLY B 441 0.62 14.88 -24.59
N GLN B 442 0.60 13.99 -23.60
CA GLN B 442 1.17 12.67 -23.71
C GLN B 442 0.12 11.73 -24.29
N TYR B 443 0.54 10.50 -24.55
CA TYR B 443 -0.39 9.48 -24.97
C TYR B 443 -0.32 8.30 -24.00
N PRO B 444 -1.47 7.73 -23.62
CA PRO B 444 -1.46 6.67 -22.62
C PRO B 444 -0.65 5.48 -23.09
N ALA B 445 0.04 4.84 -22.15
CA ALA B 445 0.82 3.65 -22.42
C ALA B 445 1.09 3.00 -21.09
N SER B 446 1.29 1.68 -21.10
CA SER B 446 1.52 0.99 -19.85
C SER B 446 2.80 0.18 -19.94
N TRP B 447 3.47 0.03 -18.80
CA TRP B 447 4.76 -0.64 -18.73
C TRP B 447 4.72 -1.46 -17.47
N PHE B 448 4.78 -2.78 -17.60
CA PHE B 448 4.72 -3.65 -16.44
C PHE B 448 5.34 -5.00 -16.77
N TYR B 449 5.63 -5.77 -15.73
CA TYR B 449 6.27 -7.07 -15.87
C TYR B 449 5.29 -8.20 -15.61
N MET B 450 5.54 -9.32 -16.28
CA MET B 450 4.77 -10.53 -16.04
C MET B 450 5.27 -11.27 -14.80
N ASP B 451 6.59 -11.45 -14.68
CA ASP B 451 7.17 -12.19 -13.57
C ASP B 451 8.15 -11.39 -12.72
N GLY B 452 9.02 -10.60 -13.35
CA GLY B 452 9.92 -9.73 -12.63
C GLY B 452 10.65 -8.83 -13.60
N TRP B 453 11.20 -7.72 -13.08
CA TRP B 453 11.99 -6.85 -13.94
C TRP B 453 13.30 -7.52 -14.33
N SER B 454 14.16 -7.81 -13.35
CA SER B 454 15.42 -8.51 -13.58
C SER B 454 15.28 -9.98 -13.20
N SER B 455 15.91 -10.86 -13.97
CA SER B 455 15.78 -12.30 -13.71
C SER B 455 16.60 -12.68 -12.48
N ARG B 456 16.08 -13.65 -11.73
CA ARG B 456 16.74 -14.20 -10.55
C ARG B 456 16.74 -15.72 -10.72
N VAL B 457 17.70 -16.23 -11.47
CA VAL B 457 17.84 -17.67 -11.69
C VAL B 457 18.72 -18.24 -10.59
N LYS B 458 18.21 -19.21 -9.84
CA LYS B 458 18.96 -19.87 -8.79
C LYS B 458 18.82 -21.38 -8.98
N ASN B 459 19.95 -22.09 -8.93
CA ASN B 459 19.98 -23.54 -9.11
C ASN B 459 19.34 -23.94 -10.43
N GLY B 460 19.57 -23.13 -11.47
CA GLY B 460 19.14 -23.41 -12.82
C GLY B 460 17.66 -23.32 -13.08
N LYS B 461 16.87 -22.75 -12.16
CA LYS B 461 15.44 -22.60 -12.34
C LYS B 461 15.05 -21.13 -12.15
N PHE B 462 13.95 -20.73 -12.80
CA PHE B 462 13.45 -19.37 -12.71
C PHE B 462 12.66 -19.19 -11.43
N THR B 463 13.13 -18.31 -10.54
CA THR B 463 12.51 -18.12 -9.24
C THR B 463 11.26 -17.25 -9.26
N GLN B 464 10.93 -16.64 -10.39
CA GLN B 464 9.86 -15.64 -10.46
C GLN B 464 8.79 -16.14 -11.41
N LYS B 465 7.67 -16.60 -10.84
CA LYS B 465 6.56 -17.13 -11.63
C LYS B 465 5.65 -16.00 -12.10
N PRO B 466 4.93 -16.20 -13.20
CA PRO B 466 3.94 -15.19 -13.61
C PRO B 466 2.95 -14.91 -12.49
N LYS B 467 2.37 -13.70 -12.51
CA LYS B 467 1.46 -13.30 -11.44
C LYS B 467 0.03 -13.75 -11.71
N PHE B 468 -0.44 -13.62 -12.95
CA PHE B 468 -1.80 -13.93 -13.30
C PHE B 468 -1.87 -15.14 -14.23
N SER B 469 -3.04 -15.75 -14.30
CA SER B 469 -3.27 -16.84 -15.22
C SER B 469 -3.23 -16.32 -16.65
N ALA B 470 -3.21 -17.25 -17.61
CA ALA B 470 -3.16 -16.86 -19.01
C ALA B 470 -4.43 -16.13 -19.44
N GLU B 471 -5.60 -16.53 -18.91
CA GLU B 471 -6.86 -15.89 -19.29
C GLU B 471 -6.93 -14.44 -18.82
N LYS B 472 -6.29 -14.13 -17.69
CA LYS B 472 -6.27 -12.76 -17.20
C LYS B 472 -5.40 -11.88 -18.09
N TYR B 473 -4.22 -12.37 -18.50
CA TYR B 473 -3.39 -11.57 -19.41
C TYR B 473 -4.11 -11.30 -20.71
N ILE B 474 -4.94 -12.23 -21.17
CA ILE B 474 -5.67 -12.01 -22.42
C ILE B 474 -6.67 -10.87 -22.26
N GLU B 475 -7.42 -10.82 -21.15
CA GLU B 475 -8.29 -9.67 -20.93
C GLU B 475 -7.48 -8.38 -20.83
N ILE B 476 -6.32 -8.43 -20.14
CA ILE B 476 -5.44 -7.27 -20.06
C ILE B 476 -5.08 -6.76 -21.46
N PHE B 477 -4.49 -7.63 -22.28
CA PHE B 477 -4.09 -7.18 -23.61
C PHE B 477 -5.28 -6.83 -24.48
N LYS B 478 -6.40 -7.54 -24.31
CA LYS B 478 -7.56 -7.22 -25.13
C LYS B 478 -8.18 -5.90 -24.71
N LYS B 479 -8.14 -5.59 -23.41
CA LYS B 479 -8.61 -4.29 -22.94
C LYS B 479 -7.71 -3.17 -23.43
N ALA B 480 -6.39 -3.33 -23.29
CA ALA B 480 -5.45 -2.35 -23.82
C ALA B 480 -5.65 -2.17 -25.32
N ASP B 481 -5.76 -3.28 -26.05
CA ASP B 481 -6.05 -3.22 -27.48
C ASP B 481 -7.32 -2.41 -27.75
N GLN B 482 -8.37 -2.63 -26.95
CA GLN B 482 -9.64 -1.97 -27.22
C GLN B 482 -9.57 -0.47 -26.95
N VAL B 483 -8.88 -0.07 -25.88
CA VAL B 483 -8.79 1.36 -25.61
C VAL B 483 -7.74 2.06 -26.45
N ASN B 484 -6.92 1.29 -27.20
CA ASN B 484 -5.87 1.83 -28.08
C ASN B 484 -4.72 2.42 -27.25
N MET B 485 -4.25 1.62 -26.31
CA MET B 485 -3.19 1.97 -25.38
C MET B 485 -2.09 0.93 -25.58
N PRO B 486 -0.92 1.31 -26.05
CA PRO B 486 0.14 0.31 -26.20
C PRO B 486 0.58 -0.20 -24.84
N ILE B 487 1.04 -1.45 -24.83
CA ILE B 487 1.56 -2.14 -23.66
C ILE B 487 2.95 -2.62 -24.00
N THR B 488 3.88 -2.44 -23.06
CA THR B 488 5.19 -3.06 -23.15
C THR B 488 5.33 -3.93 -21.92
N ILE B 489 5.44 -5.23 -22.12
CA ILE B 489 5.45 -6.15 -20.99
C ILE B 489 6.87 -6.68 -20.83
N ASN B 490 7.27 -6.83 -19.59
CA ASN B 490 8.60 -7.30 -19.26
C ASN B 490 8.48 -8.77 -18.89
N LEU B 491 9.26 -9.60 -19.57
CA LEU B 491 9.48 -10.98 -19.18
C LEU B 491 10.93 -11.09 -18.74
N ALA B 492 11.15 -11.54 -17.51
CA ALA B 492 12.51 -11.60 -17.00
C ALA B 492 13.38 -12.44 -17.92
N MET B 493 14.60 -11.98 -18.16
CA MET B 493 15.47 -12.57 -19.17
C MET B 493 16.85 -12.85 -18.58
N THR B 494 17.41 -14.01 -18.90
CA THR B 494 18.75 -14.34 -18.45
C THR B 494 19.78 -13.48 -19.17
N PRO B 495 20.80 -12.98 -18.47
CA PRO B 495 21.80 -12.13 -19.13
C PRO B 495 22.63 -12.84 -20.19
N ASP B 496 22.89 -14.14 -20.05
CA ASP B 496 23.63 -14.90 -21.05
C ASP B 496 22.65 -15.43 -22.10
N VAL B 497 22.43 -14.62 -23.13
CA VAL B 497 21.56 -15.03 -24.22
C VAL B 497 22.38 -15.93 -25.13
N THR B 498 22.28 -17.25 -24.89
CA THR B 498 23.05 -18.28 -25.57
C THR B 498 22.10 -19.30 -26.17
N LYS B 499 22.66 -20.31 -26.86
CA LYS B 499 21.84 -21.28 -27.56
C LYS B 499 21.42 -22.47 -26.72
N GLY B 500 22.07 -22.72 -25.59
CA GLY B 500 21.82 -23.96 -24.88
C GLY B 500 21.00 -23.90 -23.60
N HIS B 501 19.93 -23.08 -23.59
CA HIS B 501 19.09 -22.94 -22.40
C HIS B 501 17.97 -21.93 -22.66
N PRO B 502 16.94 -21.88 -21.81
CA PRO B 502 15.88 -20.89 -22.03
C PRO B 502 16.32 -19.53 -21.51
N ILE B 503 16.09 -18.50 -22.31
CA ILE B 503 16.48 -17.16 -21.91
C ILE B 503 15.34 -16.44 -21.20
N PHE B 504 14.08 -16.72 -21.56
CA PHE B 504 12.91 -16.32 -20.81
C PHE B 504 12.32 -17.53 -20.09
N ASN B 505 11.62 -17.25 -18.99
CA ASN B 505 10.83 -18.27 -18.30
C ASN B 505 9.90 -18.97 -19.30
N PRO B 506 9.97 -20.29 -19.44
CA PRO B 506 9.07 -20.94 -20.40
C PRO B 506 7.60 -20.78 -20.03
N GLU B 507 7.27 -20.85 -18.74
CA GLU B 507 5.90 -20.55 -18.30
C GLU B 507 5.44 -19.19 -18.82
N SER B 508 6.31 -18.18 -18.73
CA SER B 508 5.97 -16.85 -19.25
C SER B 508 5.78 -16.87 -20.76
N ILE B 509 6.68 -17.55 -21.48
CA ILE B 509 6.58 -17.65 -22.93
C ILE B 509 5.26 -18.31 -23.35
N GLU B 510 4.87 -19.39 -22.66
CA GLU B 510 3.61 -20.04 -22.99
C GLU B 510 2.44 -19.07 -22.91
N ILE B 511 2.40 -18.25 -21.85
CA ILE B 511 1.30 -17.29 -21.69
C ILE B 511 1.30 -16.28 -22.82
N MET B 512 2.49 -15.73 -23.15
CA MET B 512 2.56 -14.79 -24.25
C MET B 512 2.18 -15.42 -25.59
N LYS B 513 2.48 -16.71 -25.78
CA LYS B 513 2.01 -17.37 -27.00
C LYS B 513 0.49 -17.32 -27.11
N LYS B 514 -0.23 -17.60 -26.00
CA LYS B 514 -1.68 -17.51 -26.03
C LYS B 514 -2.15 -16.08 -26.25
N VAL B 515 -1.41 -15.10 -25.73
CA VAL B 515 -1.80 -13.70 -25.94
C VAL B 515 -1.68 -13.35 -27.40
N ARG B 516 -0.55 -13.73 -28.01
CA ARG B 516 -0.37 -13.50 -29.43
C ARG B 516 -1.54 -14.05 -30.24
N LYS B 517 -1.92 -15.31 -29.94
CA LYS B 517 -3.05 -15.91 -30.64
C LYS B 517 -4.35 -15.15 -30.40
N ALA B 518 -4.56 -14.69 -29.16
CA ALA B 518 -5.84 -14.10 -28.82
C ALA B 518 -5.99 -12.68 -29.34
N VAL B 519 -4.90 -11.93 -29.49
CA VAL B 519 -5.02 -10.53 -29.88
C VAL B 519 -4.44 -10.24 -31.27
N LYS B 520 -3.64 -11.14 -31.82
CA LYS B 520 -3.07 -10.97 -33.16
C LYS B 520 -3.30 -12.23 -34.04
N GLY B 521 -4.52 -12.80 -33.97
CA GLY B 521 -4.86 -14.04 -34.66
C GLY B 521 -6.16 -14.11 -35.47
N TYR B 522 -6.04 -14.53 -36.74
CA TYR B 522 -7.16 -14.72 -37.69
C TYR B 522 -8.18 -13.57 -37.69
#